data_8JVQ
# 
_entry.id   8JVQ 
# 
_audit_conform.dict_name       mmcif_pdbx.dic 
_audit_conform.dict_version    5.395 
_audit_conform.dict_location   http://mmcif.pdb.org/dictionaries/ascii/mmcif_pdbx.dic 
# 
loop_
_database_2.database_id 
_database_2.database_code 
_database_2.pdbx_database_accession 
_database_2.pdbx_DOI 
PDB   8JVQ         pdb_00008jvq 10.2210/pdb8jvq/pdb 
WWPDB D_1300038838 ?            ?                   
# 
loop_
_pdbx_audit_revision_history.ordinal 
_pdbx_audit_revision_history.data_content_type 
_pdbx_audit_revision_history.major_revision 
_pdbx_audit_revision_history.minor_revision 
_pdbx_audit_revision_history.revision_date 
1 'Structure model' 1 0 2024-07-03 
2 'Structure model' 1 1 2024-08-07 
# 
_pdbx_audit_revision_details.ordinal             1 
_pdbx_audit_revision_details.revision_ordinal    1 
_pdbx_audit_revision_details.data_content_type   'Structure model' 
_pdbx_audit_revision_details.provider            repository 
_pdbx_audit_revision_details.type                'Initial release' 
_pdbx_audit_revision_details.description         ? 
_pdbx_audit_revision_details.details             ? 
# 
_pdbx_audit_revision_group.ordinal             1 
_pdbx_audit_revision_group.revision_ordinal    2 
_pdbx_audit_revision_group.data_content_type   'Structure model' 
_pdbx_audit_revision_group.group               'Database references' 
# 
loop_
_pdbx_audit_revision_category.ordinal 
_pdbx_audit_revision_category.revision_ordinal 
_pdbx_audit_revision_category.data_content_type 
_pdbx_audit_revision_category.category 
1 2 'Structure model' citation        
2 2 'Structure model' citation_author 
# 
loop_
_pdbx_audit_revision_item.ordinal 
_pdbx_audit_revision_item.revision_ordinal 
_pdbx_audit_revision_item.data_content_type 
_pdbx_audit_revision_item.item 
1  2 'Structure model' '_citation.country'                 
2  2 'Structure model' '_citation.journal_abbrev'          
3  2 'Structure model' '_citation.journal_id_CSD'          
4  2 'Structure model' '_citation.journal_id_ISSN'         
5  2 'Structure model' '_citation.journal_volume'          
6  2 'Structure model' '_citation.page_first'              
7  2 'Structure model' '_citation.page_last'               
8  2 'Structure model' '_citation.pdbx_database_id_DOI'    
9  2 'Structure model' '_citation.pdbx_database_id_PubMed' 
10 2 'Structure model' '_citation.title'                   
11 2 'Structure model' '_citation.year'                    
12 2 'Structure model' '_citation_author.identifier_ORCID' 
# 
_pdbx_database_status.status_code                     REL 
_pdbx_database_status.status_code_sf                  REL 
_pdbx_database_status.status_code_mr                  ? 
_pdbx_database_status.entry_id                        8JVQ 
_pdbx_database_status.recvd_initial_deposition_date   2023-06-28 
_pdbx_database_status.SG_entry                        N 
_pdbx_database_status.deposit_site                    PDBJ 
_pdbx_database_status.process_site                    PDBJ 
_pdbx_database_status.status_code_cs                  ? 
_pdbx_database_status.status_code_nmr_data            ? 
_pdbx_database_status.methods_development_category    ? 
_pdbx_database_status.pdb_format_compatible           Y 
# 
_pdbx_contact_author.id                 2 
_pdbx_contact_author.email              shunsuke.tagami@riken.jp 
_pdbx_contact_author.name_first         Shunsuke 
_pdbx_contact_author.name_last          Tagami 
_pdbx_contact_author.name_mi            ? 
_pdbx_contact_author.role               'principal investigator/group leader' 
_pdbx_contact_author.identifier_ORCID   0000-0002-1720-3627 
# 
loop_
_audit_author.name 
_audit_author.pdbx_ordinal 
_audit_author.identifier_ORCID 
'Yagi, S.'   1 ? 
'Tagami, S.' 2 ? 
# 
_citation.abstract                  ? 
_citation.abstract_id_CAS           ? 
_citation.book_id_ISBN              ? 
_citation.book_publisher            ? 
_citation.book_publisher_city       ? 
_citation.book_title                ? 
_citation.coordinate_linkage        ? 
_citation.country                   UK 
_citation.database_id_Medline       ? 
_citation.details                   ? 
_citation.id                        primary 
_citation.journal_abbrev            'Nat Commun' 
_citation.journal_id_ASTM           ? 
_citation.journal_id_CSD            ? 
_citation.journal_id_ISSN           2041-1723 
_citation.journal_full              ? 
_citation.journal_issue             ? 
_citation.journal_volume            15 
_citation.language                  ? 
_citation.page_first                5938 
_citation.page_last                 5938 
_citation.title                     
'An ancestral fold reveals the evolutionary link between RNA polymerase and ribosomal proteins.' 
_citation.year                      2024 
_citation.database_id_CSD           ? 
_citation.pdbx_database_id_DOI      10.1038/s41467-024-50013-9 
_citation.pdbx_database_id_PubMed   39025855 
_citation.pdbx_database_id_patent   ? 
_citation.unpublished_flag          ? 
# 
loop_
_citation_author.citation_id 
_citation_author.name 
_citation_author.ordinal 
_citation_author.identifier_ORCID 
primary 'Yagi, S.'   1 0000-0002-7117-3318 
primary 'Tagami, S.' 2 0000-0002-1720-3627 
# 
loop_
_entity.id 
_entity.type 
_entity.src_method 
_entity.pdbx_description 
_entity.formula_weight 
_entity.pdbx_number_of_molecules 
_entity.pdbx_ec 
_entity.pdbx_mutation 
_entity.pdbx_fragment 
_entity.details 
1 polymer     man Ph1_DG        4681.695 1  ? ? ? ? 
2 non-polymer syn 'SULFATE ION' 96.063   1  ? ? ? ? 
3 non-polymer syn 'CITRIC ACID' 192.124  1  ? ? ? ? 
4 water       nat water         18.015   40 ? ? ? ? 
# 
_entity_poly.entity_id                      1 
_entity_poly.type                           'polypeptide(L)' 
_entity_poly.nstd_linkage                   no 
_entity_poly.nstd_monomer                   no 
_entity_poly.pdbx_seq_one_letter_code       GPMPGKKFVARVAEADGKRVVIIPKAERAKVGIKVGDVVEVKKV 
_entity_poly.pdbx_seq_one_letter_code_can   GPMPGKKFVARVAEADGKRVVIIPKAERAKVGIKVGDVVEVKKV 
_entity_poly.pdbx_strand_id                 A 
_entity_poly.pdbx_target_identifier         ? 
# 
loop_
_pdbx_entity_nonpoly.entity_id 
_pdbx_entity_nonpoly.name 
_pdbx_entity_nonpoly.comp_id 
2 'SULFATE ION' SO4 
3 'CITRIC ACID' CIT 
4 water         HOH 
# 
loop_
_entity_poly_seq.entity_id 
_entity_poly_seq.num 
_entity_poly_seq.mon_id 
_entity_poly_seq.hetero 
1 1  GLY n 
1 2  PRO n 
1 3  MET n 
1 4  PRO n 
1 5  GLY n 
1 6  LYS n 
1 7  LYS n 
1 8  PHE n 
1 9  VAL n 
1 10 ALA n 
1 11 ARG n 
1 12 VAL n 
1 13 ALA n 
1 14 GLU n 
1 15 ALA n 
1 16 ASP n 
1 17 GLY n 
1 18 LYS n 
1 19 ARG n 
1 20 VAL n 
1 21 VAL n 
1 22 ILE n 
1 23 ILE n 
1 24 PRO n 
1 25 LYS n 
1 26 ALA n 
1 27 GLU n 
1 28 ARG n 
1 29 ALA n 
1 30 LYS n 
1 31 VAL n 
1 32 GLY n 
1 33 ILE n 
1 34 LYS n 
1 35 VAL n 
1 36 GLY n 
1 37 ASP n 
1 38 VAL n 
1 39 VAL n 
1 40 GLU n 
1 41 VAL n 
1 42 LYS n 
1 43 LYS n 
1 44 VAL n 
# 
_entity_src_gen.entity_id                          1 
_entity_src_gen.pdbx_src_id                        1 
_entity_src_gen.pdbx_alt_source_flag               sample 
_entity_src_gen.pdbx_seq_type                      'Biological sequence' 
_entity_src_gen.pdbx_beg_seq_num                   1 
_entity_src_gen.pdbx_end_seq_num                   44 
_entity_src_gen.gene_src_common_name               ? 
_entity_src_gen.gene_src_genus                     ? 
_entity_src_gen.pdbx_gene_src_gene                 ? 
_entity_src_gen.gene_src_species                   ? 
_entity_src_gen.gene_src_strain                    ? 
_entity_src_gen.gene_src_tissue                    ? 
_entity_src_gen.gene_src_tissue_fraction           ? 
_entity_src_gen.gene_src_details                   ? 
_entity_src_gen.pdbx_gene_src_fragment             ? 
_entity_src_gen.pdbx_gene_src_scientific_name      'synthetic construct' 
_entity_src_gen.pdbx_gene_src_ncbi_taxonomy_id     32630 
_entity_src_gen.pdbx_gene_src_variant              ? 
_entity_src_gen.pdbx_gene_src_cell_line            ? 
_entity_src_gen.pdbx_gene_src_atcc                 ? 
_entity_src_gen.pdbx_gene_src_organ                ? 
_entity_src_gen.pdbx_gene_src_organelle            ? 
_entity_src_gen.pdbx_gene_src_cell                 ? 
_entity_src_gen.pdbx_gene_src_cellular_location    ? 
_entity_src_gen.host_org_common_name               ? 
_entity_src_gen.pdbx_host_org_scientific_name      'Escherichia coli BL21(DE3)' 
_entity_src_gen.pdbx_host_org_ncbi_taxonomy_id     469008 
_entity_src_gen.host_org_genus                     ? 
_entity_src_gen.pdbx_host_org_gene                 ? 
_entity_src_gen.pdbx_host_org_organ                ? 
_entity_src_gen.host_org_species                   ? 
_entity_src_gen.pdbx_host_org_tissue               ? 
_entity_src_gen.pdbx_host_org_tissue_fraction      ? 
_entity_src_gen.pdbx_host_org_strain               ? 
_entity_src_gen.pdbx_host_org_variant              ? 
_entity_src_gen.pdbx_host_org_cell_line            ? 
_entity_src_gen.pdbx_host_org_atcc                 ? 
_entity_src_gen.pdbx_host_org_culture_collection   ? 
_entity_src_gen.pdbx_host_org_cell                 ? 
_entity_src_gen.pdbx_host_org_organelle            ? 
_entity_src_gen.pdbx_host_org_cellular_location    ? 
_entity_src_gen.pdbx_host_org_vector_type          ? 
_entity_src_gen.pdbx_host_org_vector               ? 
_entity_src_gen.host_org_details                   ? 
_entity_src_gen.expression_system_id               ? 
_entity_src_gen.plasmid_name                       ? 
_entity_src_gen.plasmid_details                    ? 
_entity_src_gen.pdbx_description                   ? 
# 
loop_
_chem_comp.id 
_chem_comp.type 
_chem_comp.mon_nstd_flag 
_chem_comp.name 
_chem_comp.pdbx_synonyms 
_chem_comp.formula 
_chem_comp.formula_weight 
ALA 'L-peptide linking' y ALANINE         ? 'C3 H7 N O2'     89.093  
ARG 'L-peptide linking' y ARGININE        ? 'C6 H15 N4 O2 1' 175.209 
ASP 'L-peptide linking' y 'ASPARTIC ACID' ? 'C4 H7 N O4'     133.103 
CIT non-polymer         . 'CITRIC ACID'   ? 'C6 H8 O7'       192.124 
GLU 'L-peptide linking' y 'GLUTAMIC ACID' ? 'C5 H9 N O4'     147.129 
GLY 'peptide linking'   y GLYCINE         ? 'C2 H5 N O2'     75.067  
HOH non-polymer         . WATER           ? 'H2 O'           18.015  
ILE 'L-peptide linking' y ISOLEUCINE      ? 'C6 H13 N O2'    131.173 
LYS 'L-peptide linking' y LYSINE          ? 'C6 H15 N2 O2 1' 147.195 
MET 'L-peptide linking' y METHIONINE      ? 'C5 H11 N O2 S'  149.211 
PHE 'L-peptide linking' y PHENYLALANINE   ? 'C9 H11 N O2'    165.189 
PRO 'L-peptide linking' y PROLINE         ? 'C5 H9 N O2'     115.130 
SO4 non-polymer         . 'SULFATE ION'   ? 'O4 S -2'        96.063  
VAL 'L-peptide linking' y VALINE          ? 'C5 H11 N O2'    117.146 
# 
loop_
_pdbx_poly_seq_scheme.asym_id 
_pdbx_poly_seq_scheme.entity_id 
_pdbx_poly_seq_scheme.seq_id 
_pdbx_poly_seq_scheme.mon_id 
_pdbx_poly_seq_scheme.ndb_seq_num 
_pdbx_poly_seq_scheme.pdb_seq_num 
_pdbx_poly_seq_scheme.auth_seq_num 
_pdbx_poly_seq_scheme.pdb_mon_id 
_pdbx_poly_seq_scheme.auth_mon_id 
_pdbx_poly_seq_scheme.pdb_strand_id 
_pdbx_poly_seq_scheme.pdb_ins_code 
_pdbx_poly_seq_scheme.hetero 
A 1 1  GLY 1  1  1  GLY GLY A . n 
A 1 2  PRO 2  2  2  PRO PRO A . n 
A 1 3  MET 3  3  3  MET MET A . n 
A 1 4  PRO 4  4  4  PRO PRO A . n 
A 1 5  GLY 5  5  5  GLY GLY A . n 
A 1 6  LYS 6  6  6  LYS LYS A . n 
A 1 7  LYS 7  7  7  LYS LYS A . n 
A 1 8  PHE 8  8  8  PHE PHE A . n 
A 1 9  VAL 9  9  9  VAL VAL A . n 
A 1 10 ALA 10 10 10 ALA ALA A . n 
A 1 11 ARG 11 11 11 ARG ARG A . n 
A 1 12 VAL 12 12 12 VAL VAL A . n 
A 1 13 ALA 13 13 13 ALA ALA A . n 
A 1 14 GLU 14 14 14 GLU GLU A . n 
A 1 15 ALA 15 15 15 ALA ALA A . n 
A 1 16 ASP 16 16 16 ASP ASP A . n 
A 1 17 GLY 17 17 17 GLY GLY A . n 
A 1 18 LYS 18 18 18 LYS LYS A . n 
A 1 19 ARG 19 19 19 ARG ARG A . n 
A 1 20 VAL 20 20 20 VAL VAL A . n 
A 1 21 VAL 21 21 21 VAL VAL A . n 
A 1 22 ILE 22 22 22 ILE ILE A . n 
A 1 23 ILE 23 23 23 ILE ILE A . n 
A 1 24 PRO 24 24 24 PRO PRO A . n 
A 1 25 LYS 25 25 25 LYS LYS A . n 
A 1 26 ALA 26 26 26 ALA ALA A . n 
A 1 27 GLU 27 27 27 GLU GLU A . n 
A 1 28 ARG 28 28 28 ARG ARG A . n 
A 1 29 ALA 29 29 29 ALA ALA A . n 
A 1 30 LYS 30 30 30 LYS LYS A . n 
A 1 31 VAL 31 31 31 VAL VAL A . n 
A 1 32 GLY 32 32 32 GLY GLY A . n 
A 1 33 ILE 33 33 33 ILE ILE A . n 
A 1 34 LYS 34 34 34 LYS LYS A . n 
A 1 35 VAL 35 35 35 VAL VAL A . n 
A 1 36 GLY 36 36 36 GLY GLY A . n 
A 1 37 ASP 37 37 37 ASP ASP A . n 
A 1 38 VAL 38 38 38 VAL VAL A . n 
A 1 39 VAL 39 39 39 VAL VAL A . n 
A 1 40 GLU 40 40 40 GLU GLU A . n 
A 1 41 VAL 41 41 41 VAL VAL A . n 
A 1 42 LYS 42 42 42 LYS LYS A . n 
A 1 43 LYS 43 43 43 LYS LYS A . n 
A 1 44 VAL 44 44 44 VAL VAL A . n 
# 
loop_
_pdbx_nonpoly_scheme.asym_id 
_pdbx_nonpoly_scheme.entity_id 
_pdbx_nonpoly_scheme.mon_id 
_pdbx_nonpoly_scheme.ndb_seq_num 
_pdbx_nonpoly_scheme.pdb_seq_num 
_pdbx_nonpoly_scheme.auth_seq_num 
_pdbx_nonpoly_scheme.pdb_mon_id 
_pdbx_nonpoly_scheme.auth_mon_id 
_pdbx_nonpoly_scheme.pdb_strand_id 
_pdbx_nonpoly_scheme.pdb_ins_code 
B 2 SO4 1  101 1   SO4 SO4 A . 
C 3 CIT 1  102 101 CIT CIT A . 
D 4 HOH 1  201 25  HOH HOH A . 
D 4 HOH 2  202 33  HOH HOH A . 
D 4 HOH 3  203 8   HOH HOH A . 
D 4 HOH 4  204 34  HOH HOH A . 
D 4 HOH 5  205 10  HOH HOH A . 
D 4 HOH 6  206 3   HOH HOH A . 
D 4 HOH 7  207 39  HOH HOH A . 
D 4 HOH 8  208 35  HOH HOH A . 
D 4 HOH 9  209 12  HOH HOH A . 
D 4 HOH 10 210 36  HOH HOH A . 
D 4 HOH 11 211 31  HOH HOH A . 
D 4 HOH 12 212 6   HOH HOH A . 
D 4 HOH 13 213 14  HOH HOH A . 
D 4 HOH 14 214 2   HOH HOH A . 
D 4 HOH 15 215 15  HOH HOH A . 
D 4 HOH 16 216 26  HOH HOH A . 
D 4 HOH 17 217 4   HOH HOH A . 
D 4 HOH 18 218 22  HOH HOH A . 
D 4 HOH 19 219 1   HOH HOH A . 
D 4 HOH 20 220 17  HOH HOH A . 
D 4 HOH 21 221 5   HOH HOH A . 
D 4 HOH 22 222 19  HOH HOH A . 
D 4 HOH 23 223 7   HOH HOH A . 
D 4 HOH 24 224 23  HOH HOH A . 
D 4 HOH 25 225 11  HOH HOH A . 
D 4 HOH 26 226 38  HOH HOH A . 
D 4 HOH 27 227 40  HOH HOH A . 
D 4 HOH 28 228 32  HOH HOH A . 
D 4 HOH 29 229 28  HOH HOH A . 
D 4 HOH 30 230 37  HOH HOH A . 
D 4 HOH 31 231 27  HOH HOH A . 
D 4 HOH 32 232 13  HOH HOH A . 
D 4 HOH 33 233 30  HOH HOH A . 
D 4 HOH 34 234 18  HOH HOH A . 
D 4 HOH 35 235 21  HOH HOH A . 
D 4 HOH 36 236 20  HOH HOH A . 
D 4 HOH 37 237 29  HOH HOH A . 
D 4 HOH 38 238 16  HOH HOH A . 
D 4 HOH 39 239 9   HOH HOH A . 
D 4 HOH 40 240 42  HOH HOH A . 
# 
loop_
_software.citation_id 
_software.classification 
_software.compiler_name 
_software.compiler_version 
_software.contact_author 
_software.contact_author_email 
_software.date 
_software.description 
_software.dependencies 
_software.hardware 
_software.language 
_software.location 
_software.mods 
_software.name 
_software.os 
_software.os_version 
_software.type 
_software.version 
_software.pdbx_ordinal 
? refinement       ? ? ? ? ? ? ? ? ? ? ? PHENIX ? ? ? '(1.14_3260: ???)' 1 
? 'data reduction' ? ? ? ? ? ? ? ? ? ? ? XDS    ? ? ? .                  2 
? 'data scaling'   ? ? ? ? ? ? ? ? ? ? ? XDS    ? ? ? .                  3 
? phasing          ? ? ? ? ? ? ? ? ? ? ? PHENIX ? ? ? .                  4 
# 
_cell.angle_alpha                  90.00 
_cell.angle_alpha_esd              ? 
_cell.angle_beta                   90.00 
_cell.angle_beta_esd               ? 
_cell.angle_gamma                  120.00 
_cell.angle_gamma_esd              ? 
_cell.entry_id                     8JVQ 
_cell.details                      ? 
_cell.formula_units_Z              ? 
_cell.length_a                     35.017 
_cell.length_a_esd                 ? 
_cell.length_b                     35.017 
_cell.length_b_esd                 ? 
_cell.length_c                     54.660 
_cell.length_c_esd                 ? 
_cell.volume                       ? 
_cell.volume_esd                   ? 
_cell.Z_PDB                        6 
_cell.reciprocal_angle_alpha       ? 
_cell.reciprocal_angle_beta        ? 
_cell.reciprocal_angle_gamma       ? 
_cell.reciprocal_angle_alpha_esd   ? 
_cell.reciprocal_angle_beta_esd    ? 
_cell.reciprocal_angle_gamma_esd   ? 
_cell.reciprocal_length_a          ? 
_cell.reciprocal_length_b          ? 
_cell.reciprocal_length_c          ? 
_cell.reciprocal_length_a_esd      ? 
_cell.reciprocal_length_b_esd      ? 
_cell.reciprocal_length_c_esd      ? 
_cell.pdbx_unique_axis             ? 
_cell.pdbx_esd_method              ? 
# 
_symmetry.entry_id                         8JVQ 
_symmetry.cell_setting                     ? 
_symmetry.Int_Tables_number                154 
_symmetry.space_group_name_Hall            ? 
_symmetry.space_group_name_H-M             'P 32 2 1' 
_symmetry.pdbx_full_space_group_name_H-M   ? 
# 
_exptl.absorpt_coefficient_mu     ? 
_exptl.absorpt_correction_T_max   ? 
_exptl.absorpt_correction_T_min   ? 
_exptl.absorpt_correction_type    ? 
_exptl.absorpt_process_details    ? 
_exptl.entry_id                   8JVQ 
_exptl.crystals_number            1 
_exptl.details                    ? 
_exptl.method                     'X-RAY DIFFRACTION' 
_exptl.method_details             ? 
# 
_exptl_crystal.colour                       ? 
_exptl_crystal.density_diffrn               ? 
_exptl_crystal.density_Matthews             2.07 
_exptl_crystal.density_method               ? 
_exptl_crystal.density_percent_sol          40.47 
_exptl_crystal.description                  ? 
_exptl_crystal.F_000                        ? 
_exptl_crystal.id                           1 
_exptl_crystal.preparation                  ? 
_exptl_crystal.size_max                     ? 
_exptl_crystal.size_mid                     ? 
_exptl_crystal.size_min                     ? 
_exptl_crystal.size_rad                     ? 
_exptl_crystal.colour_lustre                ? 
_exptl_crystal.colour_modifier              ? 
_exptl_crystal.colour_primary               ? 
_exptl_crystal.density_meas                 ? 
_exptl_crystal.density_meas_esd             ? 
_exptl_crystal.density_meas_gt              ? 
_exptl_crystal.density_meas_lt              ? 
_exptl_crystal.density_meas_temp            ? 
_exptl_crystal.density_meas_temp_esd        ? 
_exptl_crystal.density_meas_temp_gt         ? 
_exptl_crystal.density_meas_temp_lt         ? 
_exptl_crystal.pdbx_crystal_image_url       ? 
_exptl_crystal.pdbx_crystal_image_format    ? 
_exptl_crystal.pdbx_mosaicity               ? 
_exptl_crystal.pdbx_mosaicity_esd           ? 
_exptl_crystal.pdbx_mosaic_method           ? 
_exptl_crystal.pdbx_mosaic_block_size       ? 
_exptl_crystal.pdbx_mosaic_block_size_esd   ? 
# 
_exptl_crystal_grow.apparatus       ? 
_exptl_crystal_grow.atmosphere      ? 
_exptl_crystal_grow.crystal_id      1 
_exptl_crystal_grow.details         ? 
_exptl_crystal_grow.method          'VAPOR DIFFUSION, SITTING DROP' 
_exptl_crystal_grow.method_ref      ? 
_exptl_crystal_grow.pH              ? 
_exptl_crystal_grow.pressure        ? 
_exptl_crystal_grow.pressure_esd    ? 
_exptl_crystal_grow.seeding         ? 
_exptl_crystal_grow.seeding_ref     ? 
_exptl_crystal_grow.temp_details    ? 
_exptl_crystal_grow.temp_esd        ? 
_exptl_crystal_grow.time            ? 
_exptl_crystal_grow.pdbx_details    '3200mM Ammonium sulfate, 100mM Citric acid/Sodium hydroxide pH5.0' 
_exptl_crystal_grow.pdbx_pH_range   ? 
_exptl_crystal_grow.temp            293 
# 
_diffrn.ambient_environment              ? 
_diffrn.ambient_temp                     100 
_diffrn.ambient_temp_details             ? 
_diffrn.ambient_temp_esd                 ? 
_diffrn.crystal_id                       1 
_diffrn.crystal_support                  ? 
_diffrn.crystal_treatment                ? 
_diffrn.details                          ? 
_diffrn.id                               1 
_diffrn.ambient_pressure                 ? 
_diffrn.ambient_pressure_esd             ? 
_diffrn.ambient_pressure_gt              ? 
_diffrn.ambient_pressure_lt              ? 
_diffrn.ambient_temp_gt                  ? 
_diffrn.ambient_temp_lt                  ? 
_diffrn.pdbx_serial_crystal_experiment   N 
# 
_diffrn_detector.details                      ? 
_diffrn_detector.detector                     CCD 
_diffrn_detector.diffrn_id                    1 
_diffrn_detector.type                         'RAYONIX MX-225' 
_diffrn_detector.area_resol_mean              ? 
_diffrn_detector.dtime                        ? 
_diffrn_detector.pdbx_frames_total            ? 
_diffrn_detector.pdbx_collection_time_total   ? 
_diffrn_detector.pdbx_collection_date         2022-04-22 
_diffrn_detector.pdbx_frequency               ? 
_diffrn_detector.id                           ? 
_diffrn_detector.number_of_axes               ? 
# 
_diffrn_radiation.collimation                      ? 
_diffrn_radiation.diffrn_id                        1 
_diffrn_radiation.filter_edge                      ? 
_diffrn_radiation.inhomogeneity                    ? 
_diffrn_radiation.monochromator                    ? 
_diffrn_radiation.polarisn_norm                    ? 
_diffrn_radiation.polarisn_ratio                   ? 
_diffrn_radiation.probe                            ? 
_diffrn_radiation.type                             ? 
_diffrn_radiation.xray_symbol                      ? 
_diffrn_radiation.wavelength_id                    1 
_diffrn_radiation.pdbx_monochromatic_or_laue_m_l   M 
_diffrn_radiation.pdbx_wavelength_list             ? 
_diffrn_radiation.pdbx_wavelength                  ? 
_diffrn_radiation.pdbx_diffrn_protocol             'SINGLE WAVELENGTH' 
_diffrn_radiation.pdbx_analyzer                    ? 
_diffrn_radiation.pdbx_scattering_type             x-ray 
# 
_diffrn_radiation_wavelength.id           1 
_diffrn_radiation_wavelength.wavelength   1 
_diffrn_radiation_wavelength.wt           1.0 
# 
_diffrn_source.current                     ? 
_diffrn_source.details                     ? 
_diffrn_source.diffrn_id                   1 
_diffrn_source.power                       ? 
_diffrn_source.size                        ? 
_diffrn_source.source                      SYNCHROTRON 
_diffrn_source.target                      ? 
_diffrn_source.type                        'SPRING-8 BEAMLINE BL26B2' 
_diffrn_source.voltage                     ? 
_diffrn_source.take-off_angle              ? 
_diffrn_source.pdbx_wavelength_list        1 
_diffrn_source.pdbx_wavelength             ? 
_diffrn_source.pdbx_synchrotron_beamline   BL26B2 
_diffrn_source.pdbx_synchrotron_site       SPring-8 
# 
_reflns.B_iso_Wilson_estimate                          ? 
_reflns.entry_id                                       8JVQ 
_reflns.data_reduction_details                         ? 
_reflns.data_reduction_method                          ? 
_reflns.d_resolution_high                              1.4 
_reflns.d_resolution_low                               50 
_reflns.details                                        ? 
_reflns.limit_h_max                                    ? 
_reflns.limit_h_min                                    ? 
_reflns.limit_k_max                                    ? 
_reflns.limit_k_min                                    ? 
_reflns.limit_l_max                                    ? 
_reflns.limit_l_min                                    ? 
_reflns.number_all                                     ? 
_reflns.number_obs                                     14659 
_reflns.observed_criterion                             ? 
_reflns.observed_criterion_F_max                       ? 
_reflns.observed_criterion_F_min                       ? 
_reflns.observed_criterion_I_max                       ? 
_reflns.observed_criterion_I_min                       ? 
_reflns.observed_criterion_sigma_F                     ? 
_reflns.observed_criterion_sigma_I                     ? 
_reflns.percent_possible_obs                           99.2 
_reflns.R_free_details                                 ? 
_reflns.Rmerge_F_all                                   ? 
_reflns.Rmerge_F_obs                                   ? 
_reflns.Friedel_coverage                               ? 
_reflns.number_gt                                      ? 
_reflns.threshold_expression                           ? 
_reflns.pdbx_redundancy                                11.1 
_reflns.pdbx_netI_over_av_sigmaI                       ? 
_reflns.pdbx_netI_over_sigmaI                          12.45 
_reflns.pdbx_res_netI_over_av_sigmaI_2                 ? 
_reflns.pdbx_res_netI_over_sigmaI_2                    ? 
_reflns.pdbx_chi_squared                               ? 
_reflns.pdbx_scaling_rejects                           ? 
_reflns.pdbx_d_res_high_opt                            ? 
_reflns.pdbx_d_res_low_opt                             ? 
_reflns.pdbx_d_res_opt_method                          ? 
_reflns.phase_calculation_details                      ? 
_reflns.pdbx_Rrim_I_all                                ? 
_reflns.pdbx_Rpim_I_all                                ? 
_reflns.pdbx_d_opt                                     ? 
_reflns.pdbx_number_measured_all                       ? 
_reflns.pdbx_diffrn_id                                 1 
_reflns.pdbx_ordinal                                   1 
_reflns.pdbx_CC_half                                   1.0 
_reflns.pdbx_CC_star                                   ? 
_reflns.pdbx_R_split                                   ? 
_reflns.pdbx_Rmerge_I_obs                              ? 
_reflns.pdbx_Rmerge_I_all                              ? 
_reflns.pdbx_Rsym_value                                ? 
_reflns.pdbx_CC_split_method                           ? 
_reflns.pdbx_aniso_diffraction_limit_axis_1_ortho[1]   ? 
_reflns.pdbx_aniso_diffraction_limit_axis_1_ortho[2]   ? 
_reflns.pdbx_aniso_diffraction_limit_axis_1_ortho[3]   ? 
_reflns.pdbx_aniso_diffraction_limit_axis_2_ortho[1]   ? 
_reflns.pdbx_aniso_diffraction_limit_axis_2_ortho[2]   ? 
_reflns.pdbx_aniso_diffraction_limit_axis_2_ortho[3]   ? 
_reflns.pdbx_aniso_diffraction_limit_axis_3_ortho[1]   ? 
_reflns.pdbx_aniso_diffraction_limit_axis_3_ortho[2]   ? 
_reflns.pdbx_aniso_diffraction_limit_axis_3_ortho[3]   ? 
_reflns.pdbx_aniso_diffraction_limit_1                 ? 
_reflns.pdbx_aniso_diffraction_limit_2                 ? 
_reflns.pdbx_aniso_diffraction_limit_3                 ? 
_reflns.pdbx_aniso_B_tensor_eigenvector_1_ortho[1]     ? 
_reflns.pdbx_aniso_B_tensor_eigenvector_1_ortho[2]     ? 
_reflns.pdbx_aniso_B_tensor_eigenvector_1_ortho[3]     ? 
_reflns.pdbx_aniso_B_tensor_eigenvector_2_ortho[1]     ? 
_reflns.pdbx_aniso_B_tensor_eigenvector_2_ortho[2]     ? 
_reflns.pdbx_aniso_B_tensor_eigenvector_2_ortho[3]     ? 
_reflns.pdbx_aniso_B_tensor_eigenvector_3_ortho[1]     ? 
_reflns.pdbx_aniso_B_tensor_eigenvector_3_ortho[2]     ? 
_reflns.pdbx_aniso_B_tensor_eigenvector_3_ortho[3]     ? 
_reflns.pdbx_aniso_B_tensor_eigenvalue_1               ? 
_reflns.pdbx_aniso_B_tensor_eigenvalue_2               ? 
_reflns.pdbx_aniso_B_tensor_eigenvalue_3               ? 
_reflns.pdbx_orthogonalization_convention              ? 
_reflns.pdbx_percent_possible_ellipsoidal              ? 
_reflns.pdbx_percent_possible_spherical                ? 
_reflns.pdbx_percent_possible_ellipsoidal_anomalous    ? 
_reflns.pdbx_percent_possible_spherical_anomalous      ? 
_reflns.pdbx_redundancy_anomalous                      ? 
_reflns.pdbx_CC_half_anomalous                         ? 
_reflns.pdbx_absDiff_over_sigma_anomalous              ? 
_reflns.pdbx_percent_possible_anomalous                ? 
_reflns.pdbx_observed_signal_threshold                 ? 
_reflns.pdbx_signal_type                               ? 
_reflns.pdbx_signal_details                            ? 
_reflns.pdbx_signal_software_id                        ? 
# 
_reflns_shell.d_res_high                                    1.4 
_reflns_shell.d_res_low                                     1.5 
_reflns_shell.meanI_over_sigI_all                           ? 
_reflns_shell.meanI_over_sigI_obs                           ? 
_reflns_shell.number_measured_all                           ? 
_reflns_shell.number_measured_obs                           ? 
_reflns_shell.number_possible                               ? 
_reflns_shell.number_unique_all                             ? 
_reflns_shell.number_unique_obs                             2362 
_reflns_shell.percent_possible_obs                          ? 
_reflns_shell.Rmerge_F_all                                  ? 
_reflns_shell.Rmerge_F_obs                                  ? 
_reflns_shell.meanI_over_sigI_gt                            ? 
_reflns_shell.meanI_over_uI_all                             ? 
_reflns_shell.meanI_over_uI_gt                              ? 
_reflns_shell.number_measured_gt                            ? 
_reflns_shell.number_unique_gt                              ? 
_reflns_shell.percent_possible_gt                           ? 
_reflns_shell.Rmerge_F_gt                                   ? 
_reflns_shell.Rmerge_I_gt                                   ? 
_reflns_shell.pdbx_redundancy                               ? 
_reflns_shell.pdbx_chi_squared                              ? 
_reflns_shell.pdbx_netI_over_sigmaI_all                     ? 
_reflns_shell.pdbx_netI_over_sigmaI_obs                     ? 
_reflns_shell.pdbx_Rrim_I_all                               ? 
_reflns_shell.pdbx_Rpim_I_all                               ? 
_reflns_shell.pdbx_rejects                                  ? 
_reflns_shell.pdbx_ordinal                                  1 
_reflns_shell.pdbx_diffrn_id                                1 
_reflns_shell.pdbx_CC_half                                  0.99 
_reflns_shell.pdbx_CC_star                                  ? 
_reflns_shell.pdbx_R_split                                  ? 
_reflns_shell.percent_possible_all                          ? 
_reflns_shell.Rmerge_I_all                                  ? 
_reflns_shell.Rmerge_I_obs                                  ? 
_reflns_shell.pdbx_Rsym_value                               ? 
_reflns_shell.pdbx_percent_possible_ellipsoidal             ? 
_reflns_shell.pdbx_percent_possible_spherical               ? 
_reflns_shell.pdbx_percent_possible_ellipsoidal_anomalous   ? 
_reflns_shell.pdbx_percent_possible_spherical_anomalous     ? 
_reflns_shell.pdbx_redundancy_anomalous                     ? 
_reflns_shell.pdbx_CC_half_anomalous                        ? 
_reflns_shell.pdbx_absDiff_over_sigma_anomalous             ? 
_reflns_shell.pdbx_percent_possible_anomalous               ? 
# 
_refine.aniso_B[1][1]                            ? 
_refine.aniso_B[1][2]                            ? 
_refine.aniso_B[1][3]                            ? 
_refine.aniso_B[2][2]                            ? 
_refine.aniso_B[2][3]                            ? 
_refine.aniso_B[3][3]                            ? 
_refine.B_iso_max                                ? 
_refine.B_iso_mean                               ? 
_refine.B_iso_min                                ? 
_refine.correlation_coeff_Fo_to_Fc               ? 
_refine.correlation_coeff_Fo_to_Fc_free          ? 
_refine.details                                  ? 
_refine.diff_density_max                         ? 
_refine.diff_density_max_esd                     ? 
_refine.diff_density_min                         ? 
_refine.diff_density_min_esd                     ? 
_refine.diff_density_rms                         ? 
_refine.diff_density_rms_esd                     ? 
_refine.entry_id                                 8JVQ 
_refine.pdbx_refine_id                           'X-RAY DIFFRACTION' 
_refine.ls_abs_structure_details                 ? 
_refine.ls_abs_structure_Flack                   ? 
_refine.ls_abs_structure_Flack_esd               ? 
_refine.ls_abs_structure_Rogers                  ? 
_refine.ls_abs_structure_Rogers_esd              ? 
_refine.ls_d_res_high                            1.401 
_refine.ls_d_res_low                             26.518 
_refine.ls_extinction_coef                       ? 
_refine.ls_extinction_coef_esd                   ? 
_refine.ls_extinction_expression                 ? 
_refine.ls_extinction_method                     ? 
_refine.ls_goodness_of_fit_all                   ? 
_refine.ls_goodness_of_fit_all_esd               ? 
_refine.ls_goodness_of_fit_obs                   ? 
_refine.ls_goodness_of_fit_obs_esd               ? 
_refine.ls_hydrogen_treatment                    ? 
_refine.ls_matrix_type                           ? 
_refine.ls_number_constraints                    ? 
_refine.ls_number_parameters                     ? 
_refine.ls_number_reflns_all                     ? 
_refine.ls_number_reflns_obs                     14649 
_refine.ls_number_reflns_R_free                  674 
_refine.ls_number_reflns_R_work                  ? 
_refine.ls_number_restraints                     ? 
_refine.ls_percent_reflns_obs                    99.39 
_refine.ls_percent_reflns_R_free                 4.60 
_refine.ls_R_factor_all                          ? 
_refine.ls_R_factor_obs                          0.2135 
_refine.ls_R_factor_R_free                       0.2409 
_refine.ls_R_factor_R_free_error                 ? 
_refine.ls_R_factor_R_free_error_details         ? 
_refine.ls_R_factor_R_work                       0.2122 
_refine.ls_R_Fsqd_factor_obs                     ? 
_refine.ls_R_I_factor_obs                        ? 
_refine.ls_redundancy_reflns_all                 ? 
_refine.ls_redundancy_reflns_obs                 ? 
_refine.ls_restrained_S_all                      ? 
_refine.ls_restrained_S_obs                      ? 
_refine.ls_shift_over_esd_max                    ? 
_refine.ls_shift_over_esd_mean                   ? 
_refine.ls_structure_factor_coef                 ? 
_refine.ls_weighting_details                     ? 
_refine.ls_weighting_scheme                      ? 
_refine.ls_wR_factor_all                         ? 
_refine.ls_wR_factor_obs                         ? 
_refine.ls_wR_factor_R_free                      ? 
_refine.ls_wR_factor_R_work                      ? 
_refine.occupancy_max                            ? 
_refine.occupancy_min                            ? 
_refine.solvent_model_details                    'FLAT BULK SOLVENT MODEL' 
_refine.solvent_model_param_bsol                 ? 
_refine.solvent_model_param_ksol                 ? 
_refine.pdbx_R_complete                          ? 
_refine.ls_R_factor_gt                           ? 
_refine.ls_goodness_of_fit_gt                    ? 
_refine.ls_goodness_of_fit_ref                   ? 
_refine.ls_shift_over_su_max                     ? 
_refine.ls_shift_over_su_max_lt                  ? 
_refine.ls_shift_over_su_mean                    ? 
_refine.ls_shift_over_su_mean_lt                 ? 
_refine.pdbx_ls_sigma_I                          ? 
_refine.pdbx_ls_sigma_F                          1.35 
_refine.pdbx_ls_sigma_Fsqd                       ? 
_refine.pdbx_data_cutoff_high_absF               ? 
_refine.pdbx_data_cutoff_high_rms_absF           ? 
_refine.pdbx_data_cutoff_low_absF                ? 
_refine.pdbx_isotropic_thermal_model             ? 
_refine.pdbx_ls_cross_valid_method               'FREE R-VALUE' 
_refine.pdbx_method_to_determine_struct          'MOLECULAR REPLACEMENT' 
_refine.pdbx_starting_model                      ? 
_refine.pdbx_stereochemistry_target_values       ML 
_refine.pdbx_R_Free_selection_details            ? 
_refine.pdbx_stereochem_target_val_spec_case     ? 
_refine.pdbx_overall_ESU_R                       ? 
_refine.pdbx_overall_ESU_R_Free                  ? 
_refine.pdbx_solvent_vdw_probe_radii             1.11 
_refine.pdbx_solvent_ion_probe_radii             ? 
_refine.pdbx_solvent_shrinkage_radii             0.90 
_refine.pdbx_real_space_R                        ? 
_refine.pdbx_density_correlation                 ? 
_refine.pdbx_pd_number_of_powder_patterns        ? 
_refine.pdbx_pd_number_of_points                 ? 
_refine.pdbx_pd_meas_number_of_points            ? 
_refine.pdbx_pd_proc_ls_prof_R_factor            ? 
_refine.pdbx_pd_proc_ls_prof_wR_factor           ? 
_refine.pdbx_pd_Marquardt_correlation_coeff      ? 
_refine.pdbx_pd_Fsqrd_R_factor                   ? 
_refine.pdbx_pd_ls_matrix_band_width             ? 
_refine.pdbx_overall_phase_error                 28.13 
_refine.pdbx_overall_SU_R_free_Cruickshank_DPI   ? 
_refine.pdbx_overall_SU_R_free_Blow_DPI          ? 
_refine.pdbx_overall_SU_R_Blow_DPI               ? 
_refine.pdbx_TLS_residual_ADP_flag               ? 
_refine.pdbx_diffrn_id                           1 
_refine.overall_SU_B                             ? 
_refine.overall_SU_ML                            0.14 
_refine.overall_SU_R_Cruickshank_DPI             ? 
_refine.overall_SU_R_free                        ? 
_refine.overall_FOM_free_R_set                   ? 
_refine.overall_FOM_work_R_set                   ? 
_refine.pdbx_average_fsc_overall                 ? 
_refine.pdbx_average_fsc_work                    ? 
_refine.pdbx_average_fsc_free                    ? 
# 
_refine_hist.pdbx_refine_id                   'X-RAY DIFFRACTION' 
_refine_hist.cycle_id                         LAST 
_refine_hist.details                          ? 
_refine_hist.d_res_high                       1.401 
_refine_hist.d_res_low                        26.518 
_refine_hist.number_atoms_solvent             40 
_refine_hist.number_atoms_total               386 
_refine_hist.number_reflns_all                ? 
_refine_hist.number_reflns_obs                ? 
_refine_hist.number_reflns_R_free             ? 
_refine_hist.number_reflns_R_work             ? 
_refine_hist.R_factor_all                     ? 
_refine_hist.R_factor_obs                     ? 
_refine_hist.R_factor_R_free                  ? 
_refine_hist.R_factor_R_work                  ? 
_refine_hist.pdbx_number_residues_total       ? 
_refine_hist.pdbx_B_iso_mean_ligand           ? 
_refine_hist.pdbx_B_iso_mean_solvent          ? 
_refine_hist.pdbx_number_atoms_protein        328 
_refine_hist.pdbx_number_atoms_nucleic_acid   0 
_refine_hist.pdbx_number_atoms_ligand         18 
_refine_hist.pdbx_number_atoms_lipid          ? 
_refine_hist.pdbx_number_atoms_carb           ? 
_refine_hist.pdbx_pseudo_atom_details         ? 
# 
loop_
_refine_ls_restr.pdbx_refine_id 
_refine_ls_restr.criterion 
_refine_ls_restr.dev_ideal 
_refine_ls_restr.dev_ideal_target 
_refine_ls_restr.number 
_refine_ls_restr.rejects 
_refine_ls_restr.type 
_refine_ls_restr.weight 
_refine_ls_restr.pdbx_restraint_function 
'X-RAY DIFFRACTION' ? 0.017  ? 355 ? f_bond_d           ? ? 
'X-RAY DIFFRACTION' ? 1.280  ? 478 ? f_angle_d          ? ? 
'X-RAY DIFFRACTION' ? 26.488 ? 142 ? f_dihedral_angle_d ? ? 
'X-RAY DIFFRACTION' ? 0.092  ? 54  ? f_chiral_restr     ? ? 
'X-RAY DIFFRACTION' ? 0.006  ? 61  ? f_plane_restr      ? ? 
# 
loop_
_refine_ls_shell.pdbx_refine_id 
_refine_ls_shell.d_res_high 
_refine_ls_shell.d_res_low 
_refine_ls_shell.number_reflns_all 
_refine_ls_shell.number_reflns_obs 
_refine_ls_shell.number_reflns_R_free 
_refine_ls_shell.number_reflns_R_work 
_refine_ls_shell.percent_reflns_obs 
_refine_ls_shell.percent_reflns_R_free 
_refine_ls_shell.R_factor_all 
_refine_ls_shell.R_factor_obs 
_refine_ls_shell.R_factor_R_free_error 
_refine_ls_shell.R_factor_R_work 
_refine_ls_shell.redundancy_reflns_all 
_refine_ls_shell.redundancy_reflns_obs 
_refine_ls_shell.wR_factor_all 
_refine_ls_shell.wR_factor_obs 
_refine_ls_shell.wR_factor_R_free 
_refine_ls_shell.wR_factor_R_work 
_refine_ls_shell.pdbx_R_complete 
_refine_ls_shell.pdbx_total_number_of_bins_used 
_refine_ls_shell.pdbx_phase_error 
_refine_ls_shell.pdbx_fsc_work 
_refine_ls_shell.pdbx_fsc_free 
_refine_ls_shell.R_factor_R_free 
'X-RAY DIFFRACTION' 1.4012 1.5094 . . 119 2849 100.00 . . . . 0.2635 . . . . . . . . . . . 0.2658 
'X-RAY DIFFRACTION' 1.5094 1.6613 . . 127 2809 100.00 . . . . 0.2659 . . . . . . . . . . . 0.2473 
'X-RAY DIFFRACTION' 1.6613 1.9016 . . 156 2760 100.00 . . . . 0.2689 . . . . . . . . . . . 0.3093 
'X-RAY DIFFRACTION' 1.9016 2.3956 . . 138 2819 100.00 . . . . 0.2160 . . . . . . . . . . . 0.2161 
'X-RAY DIFFRACTION' 2.3956 26.518 . . 134 2738 97.00  . . . . 0.1867 . . . . . . . . . . . 0.2308 
# 
_struct.entry_id                     8JVQ 
_struct.title                        'Crystal structure of the dimeric RIFT fold protein Ph1_DG' 
_struct.pdbx_model_details           ? 
_struct.pdbx_formula_weight          ? 
_struct.pdbx_formula_weight_method   ? 
_struct.pdbx_model_type_details      ? 
_struct.pdbx_CASP_flag               N 
# 
_struct_keywords.entry_id        8JVQ 
_struct_keywords.text            'RIFT barrel, DNA BINDING PROTEIN' 
_struct_keywords.pdbx_keywords   'DNA BINDING PROTEIN' 
# 
loop_
_struct_asym.id 
_struct_asym.pdbx_blank_PDB_chainid_flag 
_struct_asym.pdbx_modified 
_struct_asym.entity_id 
_struct_asym.details 
A N N 1 ? 
B N N 2 ? 
C N N 3 ? 
D N N 4 ? 
# 
_struct_ref.id                         1 
_struct_ref.db_name                    PDB 
_struct_ref.db_code                    8JVQ 
_struct_ref.pdbx_db_accession          8JVQ 
_struct_ref.pdbx_db_isoform            ? 
_struct_ref.entity_id                  1 
_struct_ref.pdbx_seq_one_letter_code   ? 
_struct_ref.pdbx_align_begin           1 
# 
_struct_ref_seq.align_id                      1 
_struct_ref_seq.ref_id                        1 
_struct_ref_seq.pdbx_PDB_id_code              8JVQ 
_struct_ref_seq.pdbx_strand_id                A 
_struct_ref_seq.seq_align_beg                 1 
_struct_ref_seq.pdbx_seq_align_beg_ins_code   ? 
_struct_ref_seq.seq_align_end                 44 
_struct_ref_seq.pdbx_seq_align_end_ins_code   ? 
_struct_ref_seq.pdbx_db_accession             8JVQ 
_struct_ref_seq.db_align_beg                  1 
_struct_ref_seq.pdbx_db_align_beg_ins_code    ? 
_struct_ref_seq.db_align_end                  44 
_struct_ref_seq.pdbx_db_align_end_ins_code    ? 
_struct_ref_seq.pdbx_auth_seq_align_beg       1 
_struct_ref_seq.pdbx_auth_seq_align_end       44 
# 
_pdbx_struct_assembly.id                   1 
_pdbx_struct_assembly.details              author_and_software_defined_assembly 
_pdbx_struct_assembly.method_details       PISA 
_pdbx_struct_assembly.oligomeric_details   dimeric 
_pdbx_struct_assembly.oligomeric_count     2 
# 
loop_
_pdbx_struct_assembly_prop.biol_id 
_pdbx_struct_assembly_prop.type 
_pdbx_struct_assembly_prop.value 
_pdbx_struct_assembly_prop.details 
1 'ABSA (A^2)' 3980 ? 
1 MORE         -43  ? 
1 'SSA (A^2)'  6030 ? 
# 
_pdbx_struct_assembly_gen.assembly_id       1 
_pdbx_struct_assembly_gen.oper_expression   1,2 
_pdbx_struct_assembly_gen.asym_id_list      A,B,C,D 
# 
_pdbx_struct_assembly_auth_evidence.id                     1 
_pdbx_struct_assembly_auth_evidence.assembly_id            1 
_pdbx_struct_assembly_auth_evidence.experimental_support   'gel filtration' 
_pdbx_struct_assembly_auth_evidence.details                ? 
# 
loop_
_pdbx_struct_oper_list.id 
_pdbx_struct_oper_list.type 
_pdbx_struct_oper_list.name 
_pdbx_struct_oper_list.symmetry_operation 
_pdbx_struct_oper_list.matrix[1][1] 
_pdbx_struct_oper_list.matrix[1][2] 
_pdbx_struct_oper_list.matrix[1][3] 
_pdbx_struct_oper_list.vector[1] 
_pdbx_struct_oper_list.matrix[2][1] 
_pdbx_struct_oper_list.matrix[2][2] 
_pdbx_struct_oper_list.matrix[2][3] 
_pdbx_struct_oper_list.vector[2] 
_pdbx_struct_oper_list.matrix[3][1] 
_pdbx_struct_oper_list.matrix[3][2] 
_pdbx_struct_oper_list.matrix[3][3] 
_pdbx_struct_oper_list.vector[3] 
1 'identity operation'         1_555 x,y,z         1.0000000000  0.0000000000  0.0000000000 0.0000000000  0.0000000000  1.0000000000  0.0000000000  0.0000000000 0.0000000000 0.0000000000  1.0000000000  0.0000000000 
2 'crystal symmetry operation' 5_555 x-y,-y,-z+1/3 -0.1512368896 -0.7615521166 0.6302108988 -5.0565068939 -0.7615521166 -0.3166978876 -0.5654562952 0.6491437418 0.6302108988 -0.5654562952 -0.5320652227 7.5944946657 
# 
_struct_conf.conf_type_id            HELX_P 
_struct_conf.id                      HELX_P1 
_struct_conf.pdbx_PDB_helix_id       AA1 
_struct_conf.beg_label_comp_id       PRO 
_struct_conf.beg_label_asym_id       A 
_struct_conf.beg_label_seq_id        24 
_struct_conf.pdbx_beg_PDB_ins_code   ? 
_struct_conf.end_label_comp_id       GLY 
_struct_conf.end_label_asym_id       A 
_struct_conf.end_label_seq_id        32 
_struct_conf.pdbx_end_PDB_ins_code   ? 
_struct_conf.beg_auth_comp_id        PRO 
_struct_conf.beg_auth_asym_id        A 
_struct_conf.beg_auth_seq_id         24 
_struct_conf.end_auth_comp_id        GLY 
_struct_conf.end_auth_asym_id        A 
_struct_conf.end_auth_seq_id         32 
_struct_conf.pdbx_PDB_helix_class    1 
_struct_conf.details                 ? 
_struct_conf.pdbx_PDB_helix_length   9 
# 
_struct_conf_type.id          HELX_P 
_struct_conf_type.criteria    ? 
_struct_conf_type.reference   ? 
# 
_struct_sheet.id               AA1 
_struct_sheet.type             ? 
_struct_sheet.number_strands   2 
_struct_sheet.details          ? 
# 
_struct_sheet_order.sheet_id     AA1 
_struct_sheet_order.range_id_1   1 
_struct_sheet_order.range_id_2   2 
_struct_sheet_order.offset       ? 
_struct_sheet_order.sense        anti-parallel 
# 
loop_
_struct_sheet_range.sheet_id 
_struct_sheet_range.id 
_struct_sheet_range.beg_label_comp_id 
_struct_sheet_range.beg_label_asym_id 
_struct_sheet_range.beg_label_seq_id 
_struct_sheet_range.pdbx_beg_PDB_ins_code 
_struct_sheet_range.end_label_comp_id 
_struct_sheet_range.end_label_asym_id 
_struct_sheet_range.end_label_seq_id 
_struct_sheet_range.pdbx_end_PDB_ins_code 
_struct_sheet_range.beg_auth_comp_id 
_struct_sheet_range.beg_auth_asym_id 
_struct_sheet_range.beg_auth_seq_id 
_struct_sheet_range.end_auth_comp_id 
_struct_sheet_range.end_auth_asym_id 
_struct_sheet_range.end_auth_seq_id 
AA1 1 ALA A 13 ? ALA A 15 ? ALA A 13 ALA A 15 
AA1 2 LYS A 18 ? VAL A 20 ? LYS A 18 VAL A 20 
# 
_pdbx_struct_sheet_hbond.sheet_id                AA1 
_pdbx_struct_sheet_hbond.range_id_1              1 
_pdbx_struct_sheet_hbond.range_id_2              2 
_pdbx_struct_sheet_hbond.range_1_label_atom_id   N 
_pdbx_struct_sheet_hbond.range_1_label_comp_id   ALA 
_pdbx_struct_sheet_hbond.range_1_label_asym_id   A 
_pdbx_struct_sheet_hbond.range_1_label_seq_id    13 
_pdbx_struct_sheet_hbond.range_1_PDB_ins_code    ? 
_pdbx_struct_sheet_hbond.range_1_auth_atom_id    N 
_pdbx_struct_sheet_hbond.range_1_auth_comp_id    ALA 
_pdbx_struct_sheet_hbond.range_1_auth_asym_id    A 
_pdbx_struct_sheet_hbond.range_1_auth_seq_id     13 
_pdbx_struct_sheet_hbond.range_2_label_atom_id   O 
_pdbx_struct_sheet_hbond.range_2_label_comp_id   VAL 
_pdbx_struct_sheet_hbond.range_2_label_asym_id   A 
_pdbx_struct_sheet_hbond.range_2_label_seq_id    20 
_pdbx_struct_sheet_hbond.range_2_PDB_ins_code    ? 
_pdbx_struct_sheet_hbond.range_2_auth_atom_id    O 
_pdbx_struct_sheet_hbond.range_2_auth_comp_id    VAL 
_pdbx_struct_sheet_hbond.range_2_auth_asym_id    A 
_pdbx_struct_sheet_hbond.range_2_auth_seq_id     20 
# 
_pdbx_validate_rmsd_bond.id                        1 
_pdbx_validate_rmsd_bond.PDB_model_num             1 
_pdbx_validate_rmsd_bond.auth_atom_id_1            CD 
_pdbx_validate_rmsd_bond.auth_asym_id_1            A 
_pdbx_validate_rmsd_bond.auth_comp_id_1            GLU 
_pdbx_validate_rmsd_bond.auth_seq_id_1             40 
_pdbx_validate_rmsd_bond.PDB_ins_code_1            ? 
_pdbx_validate_rmsd_bond.label_alt_id_1            ? 
_pdbx_validate_rmsd_bond.auth_atom_id_2            OE2 
_pdbx_validate_rmsd_bond.auth_asym_id_2            A 
_pdbx_validate_rmsd_bond.auth_comp_id_2            GLU 
_pdbx_validate_rmsd_bond.auth_seq_id_2             40 
_pdbx_validate_rmsd_bond.PDB_ins_code_2            ? 
_pdbx_validate_rmsd_bond.label_alt_id_2            ? 
_pdbx_validate_rmsd_bond.bond_value                1.181 
_pdbx_validate_rmsd_bond.bond_target_value         1.252 
_pdbx_validate_rmsd_bond.bond_deviation            -0.071 
_pdbx_validate_rmsd_bond.bond_standard_deviation   0.011 
_pdbx_validate_rmsd_bond.linker_flag               N 
# 
_pdbx_struct_special_symmetry.id              1 
_pdbx_struct_special_symmetry.PDB_model_num   1 
_pdbx_struct_special_symmetry.auth_asym_id    A 
_pdbx_struct_special_symmetry.auth_comp_id    HOH 
_pdbx_struct_special_symmetry.auth_seq_id     233 
_pdbx_struct_special_symmetry.PDB_ins_code    ? 
_pdbx_struct_special_symmetry.label_asym_id   D 
_pdbx_struct_special_symmetry.label_comp_id   HOH 
_pdbx_struct_special_symmetry.label_seq_id    . 
# 
_pdbx_entry_details.entry_id                   8JVQ 
_pdbx_entry_details.nonpolymer_details         ? 
_pdbx_entry_details.sequence_details           ? 
_pdbx_entry_details.compound_details           ? 
_pdbx_entry_details.source_details             ? 
_pdbx_entry_details.has_ligand_of_interest     Y 
_pdbx_entry_details.has_protein_modification   ? 
# 
loop_
_chem_comp_atom.comp_id 
_chem_comp_atom.atom_id 
_chem_comp_atom.type_symbol 
_chem_comp_atom.pdbx_aromatic_flag 
_chem_comp_atom.pdbx_stereo_config 
_chem_comp_atom.pdbx_ordinal 
ALA N    N N N 1   
ALA CA   C N S 2   
ALA C    C N N 3   
ALA O    O N N 4   
ALA CB   C N N 5   
ALA OXT  O N N 6   
ALA H    H N N 7   
ALA H2   H N N 8   
ALA HA   H N N 9   
ALA HB1  H N N 10  
ALA HB2  H N N 11  
ALA HB3  H N N 12  
ALA HXT  H N N 13  
ARG N    N N N 14  
ARG CA   C N S 15  
ARG C    C N N 16  
ARG O    O N N 17  
ARG CB   C N N 18  
ARG CG   C N N 19  
ARG CD   C N N 20  
ARG NE   N N N 21  
ARG CZ   C N N 22  
ARG NH1  N N N 23  
ARG NH2  N N N 24  
ARG OXT  O N N 25  
ARG H    H N N 26  
ARG H2   H N N 27  
ARG HA   H N N 28  
ARG HB2  H N N 29  
ARG HB3  H N N 30  
ARG HG2  H N N 31  
ARG HG3  H N N 32  
ARG HD2  H N N 33  
ARG HD3  H N N 34  
ARG HE   H N N 35  
ARG HH11 H N N 36  
ARG HH12 H N N 37  
ARG HH21 H N N 38  
ARG HH22 H N N 39  
ARG HXT  H N N 40  
ASP N    N N N 41  
ASP CA   C N S 42  
ASP C    C N N 43  
ASP O    O N N 44  
ASP CB   C N N 45  
ASP CG   C N N 46  
ASP OD1  O N N 47  
ASP OD2  O N N 48  
ASP OXT  O N N 49  
ASP H    H N N 50  
ASP H2   H N N 51  
ASP HA   H N N 52  
ASP HB2  H N N 53  
ASP HB3  H N N 54  
ASP HD2  H N N 55  
ASP HXT  H N N 56  
CIT C1   C N N 57  
CIT O1   O N N 58  
CIT O2   O N N 59  
CIT C2   C N N 60  
CIT C3   C N N 61  
CIT O7   O N N 62  
CIT C4   C N N 63  
CIT C5   C N N 64  
CIT O3   O N N 65  
CIT O4   O N N 66  
CIT C6   C N N 67  
CIT O5   O N N 68  
CIT O6   O N N 69  
CIT HO2  H N N 70  
CIT H21  H N N 71  
CIT H22  H N N 72  
CIT HO7  H N N 73  
CIT H41  H N N 74  
CIT H42  H N N 75  
CIT HO4  H N N 76  
CIT HO6  H N N 77  
GLU N    N N N 78  
GLU CA   C N S 79  
GLU C    C N N 80  
GLU O    O N N 81  
GLU CB   C N N 82  
GLU CG   C N N 83  
GLU CD   C N N 84  
GLU OE1  O N N 85  
GLU OE2  O N N 86  
GLU OXT  O N N 87  
GLU H    H N N 88  
GLU H2   H N N 89  
GLU HA   H N N 90  
GLU HB2  H N N 91  
GLU HB3  H N N 92  
GLU HG2  H N N 93  
GLU HG3  H N N 94  
GLU HE2  H N N 95  
GLU HXT  H N N 96  
GLY N    N N N 97  
GLY CA   C N N 98  
GLY C    C N N 99  
GLY O    O N N 100 
GLY OXT  O N N 101 
GLY H    H N N 102 
GLY H2   H N N 103 
GLY HA2  H N N 104 
GLY HA3  H N N 105 
GLY HXT  H N N 106 
HOH O    O N N 107 
HOH H1   H N N 108 
HOH H2   H N N 109 
ILE N    N N N 110 
ILE CA   C N S 111 
ILE C    C N N 112 
ILE O    O N N 113 
ILE CB   C N S 114 
ILE CG1  C N N 115 
ILE CG2  C N N 116 
ILE CD1  C N N 117 
ILE OXT  O N N 118 
ILE H    H N N 119 
ILE H2   H N N 120 
ILE HA   H N N 121 
ILE HB   H N N 122 
ILE HG12 H N N 123 
ILE HG13 H N N 124 
ILE HG21 H N N 125 
ILE HG22 H N N 126 
ILE HG23 H N N 127 
ILE HD11 H N N 128 
ILE HD12 H N N 129 
ILE HD13 H N N 130 
ILE HXT  H N N 131 
LYS N    N N N 132 
LYS CA   C N S 133 
LYS C    C N N 134 
LYS O    O N N 135 
LYS CB   C N N 136 
LYS CG   C N N 137 
LYS CD   C N N 138 
LYS CE   C N N 139 
LYS NZ   N N N 140 
LYS OXT  O N N 141 
LYS H    H N N 142 
LYS H2   H N N 143 
LYS HA   H N N 144 
LYS HB2  H N N 145 
LYS HB3  H N N 146 
LYS HG2  H N N 147 
LYS HG3  H N N 148 
LYS HD2  H N N 149 
LYS HD3  H N N 150 
LYS HE2  H N N 151 
LYS HE3  H N N 152 
LYS HZ1  H N N 153 
LYS HZ2  H N N 154 
LYS HZ3  H N N 155 
LYS HXT  H N N 156 
MET N    N N N 157 
MET CA   C N S 158 
MET C    C N N 159 
MET O    O N N 160 
MET CB   C N N 161 
MET CG   C N N 162 
MET SD   S N N 163 
MET CE   C N N 164 
MET OXT  O N N 165 
MET H    H N N 166 
MET H2   H N N 167 
MET HA   H N N 168 
MET HB2  H N N 169 
MET HB3  H N N 170 
MET HG2  H N N 171 
MET HG3  H N N 172 
MET HE1  H N N 173 
MET HE2  H N N 174 
MET HE3  H N N 175 
MET HXT  H N N 176 
PHE N    N N N 177 
PHE CA   C N S 178 
PHE C    C N N 179 
PHE O    O N N 180 
PHE CB   C N N 181 
PHE CG   C Y N 182 
PHE CD1  C Y N 183 
PHE CD2  C Y N 184 
PHE CE1  C Y N 185 
PHE CE2  C Y N 186 
PHE CZ   C Y N 187 
PHE OXT  O N N 188 
PHE H    H N N 189 
PHE H2   H N N 190 
PHE HA   H N N 191 
PHE HB2  H N N 192 
PHE HB3  H N N 193 
PHE HD1  H N N 194 
PHE HD2  H N N 195 
PHE HE1  H N N 196 
PHE HE2  H N N 197 
PHE HZ   H N N 198 
PHE HXT  H N N 199 
PRO N    N N N 200 
PRO CA   C N S 201 
PRO C    C N N 202 
PRO O    O N N 203 
PRO CB   C N N 204 
PRO CG   C N N 205 
PRO CD   C N N 206 
PRO OXT  O N N 207 
PRO H    H N N 208 
PRO HA   H N N 209 
PRO HB2  H N N 210 
PRO HB3  H N N 211 
PRO HG2  H N N 212 
PRO HG3  H N N 213 
PRO HD2  H N N 214 
PRO HD3  H N N 215 
PRO HXT  H N N 216 
SO4 S    S N N 217 
SO4 O1   O N N 218 
SO4 O2   O N N 219 
SO4 O3   O N N 220 
SO4 O4   O N N 221 
VAL N    N N N 222 
VAL CA   C N S 223 
VAL C    C N N 224 
VAL O    O N N 225 
VAL CB   C N N 226 
VAL CG1  C N N 227 
VAL CG2  C N N 228 
VAL OXT  O N N 229 
VAL H    H N N 230 
VAL H2   H N N 231 
VAL HA   H N N 232 
VAL HB   H N N 233 
VAL HG11 H N N 234 
VAL HG12 H N N 235 
VAL HG13 H N N 236 
VAL HG21 H N N 237 
VAL HG22 H N N 238 
VAL HG23 H N N 239 
VAL HXT  H N N 240 
# 
loop_
_chem_comp_bond.comp_id 
_chem_comp_bond.atom_id_1 
_chem_comp_bond.atom_id_2 
_chem_comp_bond.value_order 
_chem_comp_bond.pdbx_aromatic_flag 
_chem_comp_bond.pdbx_stereo_config 
_chem_comp_bond.pdbx_ordinal 
ALA N   CA   sing N N 1   
ALA N   H    sing N N 2   
ALA N   H2   sing N N 3   
ALA CA  C    sing N N 4   
ALA CA  CB   sing N N 5   
ALA CA  HA   sing N N 6   
ALA C   O    doub N N 7   
ALA C   OXT  sing N N 8   
ALA CB  HB1  sing N N 9   
ALA CB  HB2  sing N N 10  
ALA CB  HB3  sing N N 11  
ALA OXT HXT  sing N N 12  
ARG N   CA   sing N N 13  
ARG N   H    sing N N 14  
ARG N   H2   sing N N 15  
ARG CA  C    sing N N 16  
ARG CA  CB   sing N N 17  
ARG CA  HA   sing N N 18  
ARG C   O    doub N N 19  
ARG C   OXT  sing N N 20  
ARG CB  CG   sing N N 21  
ARG CB  HB2  sing N N 22  
ARG CB  HB3  sing N N 23  
ARG CG  CD   sing N N 24  
ARG CG  HG2  sing N N 25  
ARG CG  HG3  sing N N 26  
ARG CD  NE   sing N N 27  
ARG CD  HD2  sing N N 28  
ARG CD  HD3  sing N N 29  
ARG NE  CZ   sing N N 30  
ARG NE  HE   sing N N 31  
ARG CZ  NH1  sing N N 32  
ARG CZ  NH2  doub N N 33  
ARG NH1 HH11 sing N N 34  
ARG NH1 HH12 sing N N 35  
ARG NH2 HH21 sing N N 36  
ARG NH2 HH22 sing N N 37  
ARG OXT HXT  sing N N 38  
ASP N   CA   sing N N 39  
ASP N   H    sing N N 40  
ASP N   H2   sing N N 41  
ASP CA  C    sing N N 42  
ASP CA  CB   sing N N 43  
ASP CA  HA   sing N N 44  
ASP C   O    doub N N 45  
ASP C   OXT  sing N N 46  
ASP CB  CG   sing N N 47  
ASP CB  HB2  sing N N 48  
ASP CB  HB3  sing N N 49  
ASP CG  OD1  doub N N 50  
ASP CG  OD2  sing N N 51  
ASP OD2 HD2  sing N N 52  
ASP OXT HXT  sing N N 53  
CIT C1  O1   doub N N 54  
CIT C1  O2   sing N N 55  
CIT C1  C2   sing N N 56  
CIT O2  HO2  sing N N 57  
CIT C2  C3   sing N N 58  
CIT C2  H21  sing N N 59  
CIT C2  H22  sing N N 60  
CIT C3  O7   sing N N 61  
CIT C3  C4   sing N N 62  
CIT C3  C6   sing N N 63  
CIT O7  HO7  sing N N 64  
CIT C4  C5   sing N N 65  
CIT C4  H41  sing N N 66  
CIT C4  H42  sing N N 67  
CIT C5  O3   doub N N 68  
CIT C5  O4   sing N N 69  
CIT O4  HO4  sing N N 70  
CIT C6  O5   doub N N 71  
CIT C6  O6   sing N N 72  
CIT O6  HO6  sing N N 73  
GLU N   CA   sing N N 74  
GLU N   H    sing N N 75  
GLU N   H2   sing N N 76  
GLU CA  C    sing N N 77  
GLU CA  CB   sing N N 78  
GLU CA  HA   sing N N 79  
GLU C   O    doub N N 80  
GLU C   OXT  sing N N 81  
GLU CB  CG   sing N N 82  
GLU CB  HB2  sing N N 83  
GLU CB  HB3  sing N N 84  
GLU CG  CD   sing N N 85  
GLU CG  HG2  sing N N 86  
GLU CG  HG3  sing N N 87  
GLU CD  OE1  doub N N 88  
GLU CD  OE2  sing N N 89  
GLU OE2 HE2  sing N N 90  
GLU OXT HXT  sing N N 91  
GLY N   CA   sing N N 92  
GLY N   H    sing N N 93  
GLY N   H2   sing N N 94  
GLY CA  C    sing N N 95  
GLY CA  HA2  sing N N 96  
GLY CA  HA3  sing N N 97  
GLY C   O    doub N N 98  
GLY C   OXT  sing N N 99  
GLY OXT HXT  sing N N 100 
HOH O   H1   sing N N 101 
HOH O   H2   sing N N 102 
ILE N   CA   sing N N 103 
ILE N   H    sing N N 104 
ILE N   H2   sing N N 105 
ILE CA  C    sing N N 106 
ILE CA  CB   sing N N 107 
ILE CA  HA   sing N N 108 
ILE C   O    doub N N 109 
ILE C   OXT  sing N N 110 
ILE CB  CG1  sing N N 111 
ILE CB  CG2  sing N N 112 
ILE CB  HB   sing N N 113 
ILE CG1 CD1  sing N N 114 
ILE CG1 HG12 sing N N 115 
ILE CG1 HG13 sing N N 116 
ILE CG2 HG21 sing N N 117 
ILE CG2 HG22 sing N N 118 
ILE CG2 HG23 sing N N 119 
ILE CD1 HD11 sing N N 120 
ILE CD1 HD12 sing N N 121 
ILE CD1 HD13 sing N N 122 
ILE OXT HXT  sing N N 123 
LYS N   CA   sing N N 124 
LYS N   H    sing N N 125 
LYS N   H2   sing N N 126 
LYS CA  C    sing N N 127 
LYS CA  CB   sing N N 128 
LYS CA  HA   sing N N 129 
LYS C   O    doub N N 130 
LYS C   OXT  sing N N 131 
LYS CB  CG   sing N N 132 
LYS CB  HB2  sing N N 133 
LYS CB  HB3  sing N N 134 
LYS CG  CD   sing N N 135 
LYS CG  HG2  sing N N 136 
LYS CG  HG3  sing N N 137 
LYS CD  CE   sing N N 138 
LYS CD  HD2  sing N N 139 
LYS CD  HD3  sing N N 140 
LYS CE  NZ   sing N N 141 
LYS CE  HE2  sing N N 142 
LYS CE  HE3  sing N N 143 
LYS NZ  HZ1  sing N N 144 
LYS NZ  HZ2  sing N N 145 
LYS NZ  HZ3  sing N N 146 
LYS OXT HXT  sing N N 147 
MET N   CA   sing N N 148 
MET N   H    sing N N 149 
MET N   H2   sing N N 150 
MET CA  C    sing N N 151 
MET CA  CB   sing N N 152 
MET CA  HA   sing N N 153 
MET C   O    doub N N 154 
MET C   OXT  sing N N 155 
MET CB  CG   sing N N 156 
MET CB  HB2  sing N N 157 
MET CB  HB3  sing N N 158 
MET CG  SD   sing N N 159 
MET CG  HG2  sing N N 160 
MET CG  HG3  sing N N 161 
MET SD  CE   sing N N 162 
MET CE  HE1  sing N N 163 
MET CE  HE2  sing N N 164 
MET CE  HE3  sing N N 165 
MET OXT HXT  sing N N 166 
PHE N   CA   sing N N 167 
PHE N   H    sing N N 168 
PHE N   H2   sing N N 169 
PHE CA  C    sing N N 170 
PHE CA  CB   sing N N 171 
PHE CA  HA   sing N N 172 
PHE C   O    doub N N 173 
PHE C   OXT  sing N N 174 
PHE CB  CG   sing N N 175 
PHE CB  HB2  sing N N 176 
PHE CB  HB3  sing N N 177 
PHE CG  CD1  doub Y N 178 
PHE CG  CD2  sing Y N 179 
PHE CD1 CE1  sing Y N 180 
PHE CD1 HD1  sing N N 181 
PHE CD2 CE2  doub Y N 182 
PHE CD2 HD2  sing N N 183 
PHE CE1 CZ   doub Y N 184 
PHE CE1 HE1  sing N N 185 
PHE CE2 CZ   sing Y N 186 
PHE CE2 HE2  sing N N 187 
PHE CZ  HZ   sing N N 188 
PHE OXT HXT  sing N N 189 
PRO N   CA   sing N N 190 
PRO N   CD   sing N N 191 
PRO N   H    sing N N 192 
PRO CA  C    sing N N 193 
PRO CA  CB   sing N N 194 
PRO CA  HA   sing N N 195 
PRO C   O    doub N N 196 
PRO C   OXT  sing N N 197 
PRO CB  CG   sing N N 198 
PRO CB  HB2  sing N N 199 
PRO CB  HB3  sing N N 200 
PRO CG  CD   sing N N 201 
PRO CG  HG2  sing N N 202 
PRO CG  HG3  sing N N 203 
PRO CD  HD2  sing N N 204 
PRO CD  HD3  sing N N 205 
PRO OXT HXT  sing N N 206 
SO4 S   O1   doub N N 207 
SO4 S   O2   doub N N 208 
SO4 S   O3   sing N N 209 
SO4 S   O4   sing N N 210 
VAL N   CA   sing N N 211 
VAL N   H    sing N N 212 
VAL N   H2   sing N N 213 
VAL CA  C    sing N N 214 
VAL CA  CB   sing N N 215 
VAL CA  HA   sing N N 216 
VAL C   O    doub N N 217 
VAL C   OXT  sing N N 218 
VAL CB  CG1  sing N N 219 
VAL CB  CG2  sing N N 220 
VAL CB  HB   sing N N 221 
VAL CG1 HG11 sing N N 222 
VAL CG1 HG12 sing N N 223 
VAL CG1 HG13 sing N N 224 
VAL CG2 HG21 sing N N 225 
VAL CG2 HG22 sing N N 226 
VAL CG2 HG23 sing N N 227 
VAL OXT HXT  sing N N 228 
# 
loop_
_pdbx_audit_support.funding_organization 
_pdbx_audit_support.country 
_pdbx_audit_support.grant_number 
_pdbx_audit_support.ordinal 
'Japan Society for the Promotion of Science (JSPS)' Japan 18H01328 1 
'Japan Society for the Promotion of Science (JSPS)' Japan 20K15854 2 
'Japan Society for the Promotion of Science (JSPS)' Japan 22H01346 3 
# 
loop_
_pdbx_entity_instance_feature.ordinal 
_pdbx_entity_instance_feature.comp_id 
_pdbx_entity_instance_feature.asym_id 
_pdbx_entity_instance_feature.seq_num 
_pdbx_entity_instance_feature.auth_comp_id 
_pdbx_entity_instance_feature.auth_asym_id 
_pdbx_entity_instance_feature.auth_seq_num 
_pdbx_entity_instance_feature.feature_type 
_pdbx_entity_instance_feature.details 
1 CIT ? ? CIT ? ? 'SUBJECT OF INVESTIGATION' ? 
2 SO4 ? ? SO4 ? ? 'SUBJECT OF INVESTIGATION' ? 
# 
_pdbx_initial_refinement_model.id               1 
_pdbx_initial_refinement_model.entity_id_list   ? 
_pdbx_initial_refinement_model.type             'experimental model' 
_pdbx_initial_refinement_model.source_name      PDB 
_pdbx_initial_refinement_model.accession_code   8JVP 
_pdbx_initial_refinement_model.details          ? 
# 
_atom_sites.entry_id                    8JVQ 
_atom_sites.Cartn_transf_matrix[1][1]   ? 
_atom_sites.Cartn_transf_matrix[1][2]   ? 
_atom_sites.Cartn_transf_matrix[1][3]   ? 
_atom_sites.Cartn_transf_matrix[2][1]   ? 
_atom_sites.Cartn_transf_matrix[2][2]   ? 
_atom_sites.Cartn_transf_matrix[2][3]   ? 
_atom_sites.Cartn_transf_matrix[3][1]   ? 
_atom_sites.Cartn_transf_matrix[3][2]   ? 
_atom_sites.Cartn_transf_matrix[3][3]   ? 
_atom_sites.Cartn_transf_vector[1]      ? 
_atom_sites.Cartn_transf_vector[2]      ? 
_atom_sites.Cartn_transf_vector[3]      ? 
_atom_sites.fract_transf_matrix[1][1]   0.01195950 
_atom_sites.fract_transf_matrix[1][2]   -0.01218143 
_atom_sites.fract_transf_matrix[1][3]   0.02821341 
_atom_sites.fract_transf_matrix[2][1]   -0.01328857 
_atom_sites.fract_transf_matrix[2][2]   0.00902170 
_atom_sites.fract_transf_matrix[2][3]   0.02879884 
_atom_sites.fract_transf_matrix[3][1]   -0.01176040 
_atom_sites.fract_transf_matrix[3][2]   -0.01397499 
_atom_sites.fract_transf_matrix[3][3]   -0.00104868 
_atom_sites.fract_transf_vector[1]      0.232214 
_atom_sites.fract_transf_vector[2]      -0.145881 
_atom_sites.fract_transf_vector[3]      0.145452 
_atom_sites.solution_primary            ? 
_atom_sites.solution_secondary          ? 
_atom_sites.solution_hydrogens          ? 
_atom_sites.special_details             ? 
# 
loop_
_atom_type.symbol 
C 
N 
O 
S 
# 
loop_
_atom_site.group_PDB 
_atom_site.id 
_atom_site.type_symbol 
_atom_site.label_atom_id 
_atom_site.label_alt_id 
_atom_site.label_comp_id 
_atom_site.label_asym_id 
_atom_site.label_entity_id 
_atom_site.label_seq_id 
_atom_site.pdbx_PDB_ins_code 
_atom_site.Cartn_x 
_atom_site.Cartn_y 
_atom_site.Cartn_z 
_atom_site.occupancy 
_atom_site.B_iso_or_equiv 
_atom_site.pdbx_formal_charge 
_atom_site.auth_seq_id 
_atom_site.auth_comp_id 
_atom_site.auth_asym_id 
_atom_site.auth_atom_id 
_atom_site.pdbx_PDB_model_num 
ATOM   1   N N   . GLY A 1 1  ? 7.279   -10.968 -10.482 1.00 52.99 ?  1   GLY A N   1 
ATOM   2   C CA  . GLY A 1 1  ? 7.377   -9.752  -9.702  1.00 49.61 ?  1   GLY A CA  1 
ATOM   3   C C   . GLY A 1 1  ? 8.393   -9.887  -8.586  1.00 49.93 ?  1   GLY A C   1 
ATOM   4   O O   . GLY A 1 1  ? 9.187   -10.827 -8.573  1.00 54.98 ?  1   GLY A O   1 
ATOM   5   N N   . PRO A 1 2  ? 8.383   -8.943  -7.653  1.00 52.10 ?  2   PRO A N   1 
ATOM   6   C CA  . PRO A 1 2  ? 9.275   -9.048  -6.494  1.00 55.15 ?  2   PRO A CA  1 
ATOM   7   C C   . PRO A 1 2  ? 8.791   -10.106 -5.513  1.00 47.75 ?  2   PRO A C   1 
ATOM   8   O O   . PRO A 1 2  ? 7.669   -10.608 -5.582  1.00 46.33 ?  2   PRO A O   1 
ATOM   9   C CB  . PRO A 1 2  ? 9.237   -7.647  -5.875  1.00 51.91 ?  2   PRO A CB  1 
ATOM   10  C CG  . PRO A 1 2  ? 8.005   -7.040  -6.362  1.00 49.51 ?  2   PRO A CG  1 
ATOM   11  C CD  . PRO A 1 2  ? 7.679   -7.650  -7.697  1.00 52.20 ?  2   PRO A CD  1 
ATOM   12  N N   . MET A 1 3  ? 9.691   -10.467 -4.603  1.00 41.22 ?  3   MET A N   1 
ATOM   13  C CA  . MET A 1 3  ? 9.349   -11.411 -3.549  1.00 39.67 ?  3   MET A CA  1 
ATOM   14  C C   . MET A 1 3  ? 8.341   -10.780 -2.591  1.00 40.08 ?  3   MET A C   1 
ATOM   15  O O   . MET A 1 3  ? 8.404   -9.576  -2.323  1.00 35.99 ?  3   MET A O   1 
ATOM   16  C CB  . MET A 1 3  ? 10.608  -11.794 -2.774  1.00 47.43 ?  3   MET A CB  1 
ATOM   17  C CG  . MET A 1 3  ? 11.622  -12.536 -3.613  1.00 51.26 ?  3   MET A CG  1 
ATOM   18  S SD  . MET A 1 3  ? 11.102  -14.240 -3.865  1.00 53.43 ?  3   MET A SD  1 
ATOM   19  C CE  . MET A 1 3  ? 11.505  -14.934 -2.265  1.00 53.13 ?  3   MET A CE  1 
ATOM   20  N N   . PRO A 1 4  ? 7.398   -11.555 -2.064  1.00 36.98 ?  4   PRO A N   1 
ATOM   21  C CA  . PRO A 1 4  ? 6.434   -10.992 -1.117  1.00 34.03 ?  4   PRO A CA  1 
ATOM   22  C C   . PRO A 1 4  ? 7.107   -10.624 0.196   1.00 33.36 ?  4   PRO A C   1 
ATOM   23  O O   . PRO A 1 4  ? 8.216   -11.061 0.509   1.00 39.83 ?  4   PRO A O   1 
ATOM   24  C CB  . PRO A 1 4  ? 5.419   -12.124 -0.925  1.00 38.00 ?  4   PRO A CB  1 
ATOM   25  C CG  . PRO A 1 4  ? 6.192   -13.367 -1.228  1.00 41.44 ?  4   PRO A CG  1 
ATOM   26  C CD  . PRO A 1 4  ? 7.163   -12.988 -2.312  1.00 43.55 ?  4   PRO A CD  1 
ATOM   27  N N   . GLY A 1 5  ? 6.416   -9.787  0.962   1.00 29.36 ?  5   GLY A N   1 
ATOM   28  C CA  . GLY A 1 5  ? 6.908   -9.370  2.255   1.00 31.27 ?  5   GLY A CA  1 
ATOM   29  C C   . GLY A 1 5  ? 7.661   -8.064  2.270   1.00 33.60 ?  5   GLY A C   1 
ATOM   30  O O   . GLY A 1 5  ? 8.128   -7.655  3.341   1.00 34.25 ?  5   GLY A O   1 
ATOM   31  N N   . LYS A 1 6  ? 7.793   -7.386  1.128   1.00 25.42 ?  6   LYS A N   1 
ATOM   32  C CA  . LYS A 1 6  ? 8.353   -6.047  1.154   1.00 27.99 ?  6   LYS A CA  1 
ATOM   33  C C   . LYS A 1 6  ? 7.341   -5.063  1.722   1.00 23.15 ?  6   LYS A C   1 
ATOM   34  O O   . LYS A 1 6  ? 6.128   -5.294  1.716   1.00 22.00 ?  6   LYS A O   1 
ATOM   35  C CB  . LYS A 1 6  ? 8.799   -5.621  -0.240  1.00 26.42 ?  6   LYS A CB  1 
ATOM   36  C CG  . LYS A 1 6  ? 9.937   -6.462  -0.767  1.00 32.97 ?  6   LYS A CG  1 
ATOM   37  C CD  . LYS A 1 6  ? 10.457  -5.926  -2.073  1.00 37.38 ?  6   LYS A CD  1 
ATOM   38  C CE  . LYS A 1 6  ? 10.788  -7.060  -3.007  1.00 51.90 ?  6   LYS A CE  1 
ATOM   39  N NZ  . LYS A 1 6  ? 11.311  -8.263  -2.297  1.00 59.23 ?  6   LYS A NZ  1 
ATOM   40  N N   . LYS A 1 7  ? 7.853   -3.941  2.213   1.00 21.90 ?  7   LYS A N   1 
ATOM   41  C CA  . LYS A 1 7  ? 6.996   -3.005  2.910   1.00 19.92 ?  7   LYS A CA  1 
ATOM   42  C C   . LYS A 1 7  ? 7.385   -1.572  2.590   1.00 19.58 ?  7   LYS A C   1 
ATOM   43  O O   . LYS A 1 7  ? 8.463   -1.290  2.057   1.00 21.07 ?  7   LYS A O   1 
ATOM   44  C CB  . LYS A 1 7  ? 6.999   -3.266  4.422   1.00 22.92 ?  7   LYS A CB  1 
ATOM   45  C CG  . LYS A 1 7  ? 8.377   -3.242  5.038   1.00 30.14 ?  7   LYS A CG  1 
ATOM   46  C CD  . LYS A 1 7  ? 8.384   -3.724  6.478   1.00 40.77 ?  7   LYS A CD  1 
ATOM   47  C CE  . LYS A 1 7  ? 9.585   -3.150  7.229   1.00 51.38 ?  7   LYS A CE  1 
ATOM   48  N NZ  . LYS A 1 7  ? 10.405  -4.180  7.919   1.00 60.44 ?  7   LYS A NZ  1 
ATOM   49  N N   . PHE A 1 8  ? 6.460   -0.674  2.887   1.00 16.90 ?  8   PHE A N   1 
ATOM   50  C CA  . PHE A 1 8  ? 6.731   0.748   2.828   1.00 16.27 ?  8   PHE A CA  1 
ATOM   51  C C   . PHE A 1 8  ? 5.932   1.453   3.910   1.00 17.24 ?  8   PHE A C   1 
ATOM   52  O O   . PHE A 1 8  ? 5.002   0.897   4.500   1.00 15.85 ?  8   PHE A O   1 
ATOM   53  C CB  . PHE A 1 8  ? 6.434   1.365   1.458   1.00 19.59 ?  8   PHE A CB  1 
ATOM   54  C CG  . PHE A 1 8  ? 4.988   1.298   1.064   1.00 21.13 ?  8   PHE A CG  1 
ATOM   55  C CD1 . PHE A 1 8  ? 4.466   0.137   0.513   1.00 23.52 ?  8   PHE A CD1 1 
ATOM   56  C CD2 . PHE A 1 8  ? 4.158   2.395   1.241   1.00 23.10 ?  8   PHE A CD2 1 
ATOM   57  C CE1 . PHE A 1 8  ? 3.141   0.065   0.152   1.00 21.83 ?  8   PHE A CE1 1 
ATOM   58  C CE2 . PHE A 1 8  ? 2.821   2.334   0.889   1.00 24.65 ?  8   PHE A CE2 1 
ATOM   59  C CZ  . PHE A 1 8  ? 2.310   1.162   0.343   1.00 24.16 ?  8   PHE A CZ  1 
ATOM   60  N N   . VAL A 1 9  ? 6.313   2.683   4.161   1.00 15.74 ?  9   VAL A N   1 
ATOM   61  C CA  . VAL A 1 9  ? 5.741   3.508   5.208   1.00 17.62 ?  9   VAL A CA  1 
ATOM   62  C C   . VAL A 1 9  ? 4.816   4.528   4.569   1.00 17.13 ?  9   VAL A C   1 
ATOM   63  O O   . VAL A 1 9  ? 5.111   5.077   3.501   1.00 19.75 ?  9   VAL A O   1 
ATOM   64  C CB  . VAL A 1 9  ? 6.854   4.182   6.032   1.00 19.81 ?  9   VAL A CB  1 
ATOM   65  C CG1 . VAL A 1 9  ? 6.263   5.122   7.060   1.00 25.36 ?  9   VAL A CG1 1 
ATOM   66  C CG2 . VAL A 1 9  ? 7.719   3.122   6.700   1.00 27.21 ?  9   VAL A CG2 1 
ATOM   67  N N   . ALA A 1 10 ? 3.686   4.772   5.217   1.00 17.99 ?  10  ALA A N   1 
ATOM   68  C CA  . ALA A 1 10 ? 2.668   5.657   4.674   1.00 19.48 ?  10  ALA A CA  1 
ATOM   69  C C   . ALA A 1 10 ? 1.900   6.277   5.824   1.00 18.24 ?  10  ALA A C   1 
ATOM   70  O O   . ALA A 1 10 ? 2.097   5.925   6.988   1.00 18.50 ?  10  ALA A O   1 
ATOM   71  C CB  . ALA A 1 10 ? 1.704   4.902   3.763   1.00 24.75 ?  10  ALA A CB  1 
ATOM   72  N N   . ARG A 1 11 ? 1.022   7.177   5.464   1.00 23.64 ?  11  ARG A N   1 
ATOM   73  C CA  . ARG A 1 11 ? 0.165   7.811   6.460   1.00 20.75 ?  11  ARG A CA  1 
ATOM   74  C C   . ARG A 1 11 ? -1.299  7.567   6.105   1.00 19.44 ?  11  ARG A C   1 
ATOM   75  O O   . ARG A 1 11 ? -1.602  7.542   4.991   1.00 23.88 ?  11  ARG A O   1 
ATOM   76  C CB  . ARG A 1 11 ? 0.448   9.304   6.401   1.00 22.50 ?  11  ARG A CB  1 
ATOM   77  C CG  . ARG A 1 11 ? 0.339   9.985   7.725   1.00 33.07 ?  11  ARG A CG  1 
ATOM   78  C CD  . ARG A 1 11 ? 0.921   11.366  7.696   1.00 25.90 ?  11  ARG A CD  1 
ATOM   79  N NE  . ARG A 1 11 ? 2.309   11.502  7.976   1.00 24.14 ?  11  ARG A NE  1 
ATOM   80  C CZ  . ARG A 1 11 ? 2.811   11.614  9.155   1.00 21.93 ?  11  ARG A CZ  1 
ATOM   81  N NH1 . ARG A 1 11 ? 2.066   11.540  10.231  1.00 26.26 ?  11  ARG A NH1 1 
ATOM   82  N NH2 . ARG A 1 11 ? 4.098   11.758  9.288   1.00 30.68 ?  11  ARG A NH2 1 
ATOM   83  N N   . VAL A 1 12 ? -2.131  7.300   7.092   1.00 16.98 ?  12  VAL A N   1 
ATOM   84  C CA  . VAL A 1 12 ? -3.565  7.231   6.898   1.00 16.78 ?  12  VAL A CA  1 
ATOM   85  C C   . VAL A 1 12 ? -4.096  8.619   6.561   1.00 15.39 ?  12  VAL A C   1 
ATOM   86  O O   . VAL A 1 12 ? -3.790  9.604   7.255   1.00 16.68 ?  12  VAL A O   1 
ATOM   87  C CB  . VAL A 1 12 ? -4.230  6.654   8.155   1.00 16.28 ?  12  VAL A CB  1 
ATOM   88  C CG1 . VAL A 1 12 ? -5.724  6.631   7.993   1.00 17.16 ?  12  VAL A CG1 1 
ATOM   89  C CG2 . VAL A 1 12 ? -3.697  5.252   8.438   1.00 18.73 ?  12  VAL A CG2 1 
ATOM   90  N N   . ALA A 1 13 ? -4.889  8.697   5.495   1.00 17.45 ?  13  ALA A N   1 
ATOM   91  C CA  . ALA A 1 13 ? -5.477  9.939   5.015   1.00 20.02 ?  13  ALA A CA  1 
ATOM   92  C C   . ALA A 1 13 ? -6.985  9.770   4.901   1.00 20.08 ?  13  ALA A C   1 
ATOM   93  O O   . ALA A 1 13 ? -7.522  8.676   5.047   1.00 18.92 ?  13  ALA A O   1 
ATOM   94  C CB  . ALA A 1 13 ? -4.904  10.313  3.647   1.00 20.27 ?  13  ALA A CB  1 
ATOM   95  N N   . GLU A 1 14 ? -7.674  10.864  4.614   1.00 20.09 ?  14  GLU A N   1 
ATOM   96  C CA  . GLU A 1 14 ? -9.097  10.849  4.315   1.00 21.51 ?  14  GLU A CA  1 
ATOM   97  C C   . GLU A 1 14 ? -9.275  11.136  2.834   1.00 25.73 ?  14  GLU A C   1 
ATOM   98  O O   . GLU A 1 14 ? -8.630  12.042  2.292   1.00 27.69 ?  14  GLU A O   1 
ATOM   99  C CB  . GLU A 1 14 ? -9.842  11.896  5.145   1.00 31.74 ?  14  GLU A CB  1 
ATOM   100 C CG  . GLU A 1 14 ? -11.348 11.847  4.967   1.00 46.58 ?  14  GLU A CG  1 
ATOM   101 C CD  . GLU A 1 14 ? -12.018 13.121  5.432   1.00 64.40 ?  14  GLU A CD  1 
ATOM   102 O OE1 . GLU A 1 14 ? -11.399 14.198  5.295   1.00 68.87 ?  14  GLU A OE1 1 
ATOM   103 O OE2 . GLU A 1 14 ? -13.161 13.046  5.935   1.00 74.39 -1 14  GLU A OE2 1 
ATOM   104 N N   . ALA A 1 15 ? -10.142 10.364  2.185   1.00 28.18 ?  15  ALA A N   1 
ATOM   105 C CA  . ALA A 1 15 ? -10.460 10.568  0.779   1.00 30.10 ?  15  ALA A CA  1 
ATOM   106 C C   . ALA A 1 15 ? -11.868 10.053  0.539   1.00 32.89 ?  15  ALA A C   1 
ATOM   107 O O   . ALA A 1 15 ? -12.156 8.892   0.831   1.00 30.70 ?  15  ALA A O   1 
ATOM   108 C CB  . ALA A 1 15 ? -9.479  9.814   -0.122  1.00 30.33 ?  15  ALA A CB  1 
ATOM   109 N N   . ASP A 1 16 ? -12.739 10.917  0.013   1.00 42.58 ?  16  ASP A N   1 
ATOM   110 C CA  . ASP A 1 16 ? -14.144 10.577  -0.217  1.00 45.90 ?  16  ASP A CA  1 
ATOM   111 C C   . ASP A 1 16 ? -14.812 10.078  1.063   1.00 40.40 ?  16  ASP A C   1 
ATOM   112 O O   . ASP A 1 16 ? -15.594 9.131   1.056   1.00 42.12 ?  16  ASP A O   1 
ATOM   113 C CB  . ASP A 1 16 ? -14.313 9.585   -1.374  1.00 64.11 ?  16  ASP A CB  1 
ATOM   114 C CG  . ASP A 1 16 ? -15.754 9.494   -1.869  1.00 83.88 ?  16  ASP A CG  1 
ATOM   115 O OD1 . ASP A 1 16 ? -16.140 8.416   -2.371  1.00 90.38 ?  16  ASP A OD1 1 
ATOM   116 O OD2 . ASP A 1 16 ? -16.500 10.495  -1.749  1.00 90.91 -1 16  ASP A OD2 1 
ATOM   117 N N   . GLY A 1 17 ? -14.487 10.722  2.182   1.00 38.58 ?  17  GLY A N   1 
ATOM   118 C CA  . GLY A 1 17 ? -15.026 10.319  3.464   1.00 40.48 ?  17  GLY A CA  1 
ATOM   119 C C   . GLY A 1 17 ? -14.453 9.042   4.051   1.00 39.25 ?  17  GLY A C   1 
ATOM   120 O O   . GLY A 1 17 ? -14.781 8.711   5.194   1.00 45.49 ?  17  GLY A O   1 
ATOM   121 N N   . LYS A 1 18 ? -13.622 8.318   3.317   1.00 26.62 ?  18  LYS A N   1 
ATOM   122 C CA  . LYS A 1 18 ? -13.052 7.068   3.797   1.00 27.55 ?  18  LYS A CA  1 
ATOM   123 C C   . LYS A 1 18 ? -11.672 7.319   4.388   1.00 23.66 ?  18  LYS A C   1 
ATOM   124 O O   . LYS A 1 18 ? -10.990 8.288   4.047   1.00 23.94 ?  18  LYS A O   1 
ATOM   125 C CB  . LYS A 1 18 ? -12.945 6.057   2.653   1.00 29.81 ?  18  LYS A CB  1 
ATOM   126 C CG  . LYS A 1 18 ? -14.289 5.518   2.187   1.00 35.34 ?  18  LYS A CG  1 
ATOM   127 C CD  . LYS A 1 18 ? -14.970 4.757   3.310   1.00 47.65 ?  18  LYS A CD  1 
ATOM   128 C CE  . LYS A 1 18 ? -16.106 3.906   2.790   1.00 56.75 ?  18  LYS A CE  1 
ATOM   129 N NZ  . LYS A 1 18 ? -15.598 2.573   2.366   1.00 62.70 ?  18  LYS A NZ  1 
ATOM   130 N N   . ARG A 1 19 ? -11.283 6.453   5.306   1.00 19.94 ?  19  ARG A N   1 
ATOM   131 C CA  . ARG A 1 19 ? -9.929  6.453   5.841   1.00 17.75 ?  19  ARG A CA  1 
ATOM   132 C C   . ARG A 1 19 ? -9.119  5.472   5.006   1.00 19.02 ?  19  ARG A C   1 
ATOM   133 O O   . ARG A 1 19 ? -9.476  4.289   4.920   1.00 19.79 ?  19  ARG A O   1 
ATOM   134 C CB  . ARG A 1 19 ? -9.954  5.983   7.296   1.00 19.30 ?  19  ARG A CB  1 
ATOM   135 C CG  . ARG A 1 19 ? -10.104 7.083   8.327   1.00 19.94 ?  19  ARG A CG  1 
ATOM   136 C CD  . ARG A 1 19 ? -11.333 7.898   8.056   1.00 24.53 ?  19  ARG A CD  1 
ATOM   137 N NE  . ARG A 1 19 ? -11.475 9.004   8.993   1.00 24.84 ?  19  ARG A NE  1 
ATOM   138 C CZ  . ARG A 1 19 ? -12.135 10.125  8.733   1.00 34.53 ?  19  ARG A CZ  1 
ATOM   139 N NH1 . ARG A 1 19 ? -12.728 10.300  7.561   1.00 34.34 ?  19  ARG A NH1 1 
ATOM   140 N NH2 . ARG A 1 19 ? -12.197 11.075  9.653   1.00 32.19 ?  19  ARG A NH2 1 
ATOM   141 N N   . VAL A 1 20 ? -8.051  5.958   4.374   1.00 17.87 ?  20  VAL A N   1 
ATOM   142 C CA  . VAL A 1 20 ? -7.327  5.202   3.362   1.00 17.78 ?  20  VAL A CA  1 
ATOM   143 C C   . VAL A 1 20 ? -5.825  5.369   3.545   1.00 19.08 ?  20  VAL A C   1 
ATOM   144 O O   . VAL A 1 20 ? -5.336  6.348   4.116   1.00 18.35 ?  20  VAL A O   1 
ATOM   145 C CB  . VAL A 1 20 ? -7.700  5.614   1.923   1.00 18.65 ?  20  VAL A CB  1 
ATOM   146 C CG1 . VAL A 1 20 ? -9.169  5.385   1.667   1.00 21.43 ?  20  VAL A CG1 1 
ATOM   147 C CG2 . VAL A 1 20 ? -7.352  7.066   1.697   1.00 25.28 ?  20  VAL A CG2 1 
ATOM   148 N N   . VAL A 1 21 ? -5.093  4.382   3.055   1.00 16.33 ?  21  VAL A N   1 
ATOM   149 C CA  . VAL A 1 21 ? -3.679  4.520   2.749   1.00 17.27 ?  21  VAL A CA  1 
ATOM   150 C C   . VAL A 1 21 ? -3.550  4.605   1.235   1.00 17.53 ?  21  VAL A C   1 
ATOM   151 O O   . VAL A 1 21 ? -3.906  3.662   0.521   1.00 18.23 ?  21  VAL A O   1 
ATOM   152 C CB  . VAL A 1 21 ? -2.879  3.343   3.314   1.00 21.69 ?  21  VAL A CB  1 
ATOM   153 C CG1 . VAL A 1 21 ? -1.437  3.448   2.898   1.00 24.56 ?  21  VAL A CG1 1 
ATOM   154 C CG2 . VAL A 1 21 ? -2.994  3.349   4.795   1.00 24.36 ?  21  VAL A CG2 1 
ATOM   155 N N   . ILE A 1 22 ? -3.093  5.751   0.746   1.00 16.17 ?  22  ILE A N   1 
ATOM   156 C CA  . ILE A 1 22 ? -2.882  5.962   -0.676  1.00 19.62 ?  22  ILE A CA  1 
ATOM   157 C C   . ILE A 1 22 ? -1.527  5.391   -1.049  1.00 22.29 ?  22  ILE A C   1 
ATOM   158 O O   . ILE A 1 22 ? -0.521  5.672   -0.388  1.00 26.66 ?  22  ILE A O   1 
ATOM   159 C CB  . ILE A 1 22 ? -2.987  7.458   -1.007  1.00 22.75 ?  22  ILE A CB  1 
ATOM   160 C CG1 . ILE A 1 22 ? -4.409  7.952   -0.751  1.00 26.52 ?  22  ILE A CG1 1 
ATOM   161 C CG2 . ILE A 1 22 ? -2.599  7.722   -2.460  1.00 33.16 ?  22  ILE A CG2 1 
ATOM   162 C CD1 . ILE A 1 22 ? -4.551  9.457   -0.754  1.00 34.28 ?  22  ILE A CD1 1 
ATOM   163 N N   . ILE A 1 23 ? -1.492  4.577   -2.095  1.00 21.92 ?  23  ILE A N   1 
ATOM   164 C CA  . ILE A 1 23 ? -0.264  3.881   -2.444  1.00 26.26 ?  23  ILE A CA  1 
ATOM   165 C C   . ILE A 1 23 ? 0.252   4.469   -3.755  1.00 23.50 ?  23  ILE A C   1 
ATOM   166 O O   . ILE A 1 23 ? -0.352  4.248   -4.811  1.00 24.68 ?  23  ILE A O   1 
ATOM   167 C CB  . ILE A 1 23 ? -0.466  2.364   -2.556  1.00 29.53 ?  23  ILE A CB  1 
ATOM   168 C CG1 . ILE A 1 23 ? -1.083  1.822   -1.265  1.00 29.91 ?  23  ILE A CG1 1 
ATOM   169 C CG2 . ILE A 1 23 ? 0.878   1.679   -2.829  1.00 33.16 ?  23  ILE A CG2 1 
ATOM   170 C CD1 . ILE A 1 23 ? -1.217  0.315   -1.240  1.00 30.49 ?  23  ILE A CD1 1 
ATOM   171 N N   . PRO A 1 24 ? 1.363   5.196   -3.740  1.00 25.38 ?  24  PRO A N   1 
ATOM   172 C CA  . PRO A 1 24 ? 1.868   5.771   -4.991  1.00 25.25 ?  24  PRO A CA  1 
ATOM   173 C C   . PRO A 1 24 ? 2.410   4.693   -5.926  1.00 23.11 ?  24  PRO A C   1 
ATOM   174 O O   . PRO A 1 24 ? 2.827   3.616   -5.500  1.00 23.63 ?  24  PRO A O   1 
ATOM   175 C CB  . PRO A 1 24 ? 2.987   6.715   -4.530  1.00 31.91 ?  24  PRO A CB  1 
ATOM   176 C CG  . PRO A 1 24 ? 2.820   6.834   -3.029  1.00 29.50 ?  24  PRO A CG  1 
ATOM   177 C CD  . PRO A 1 24 ? 2.212   5.542   -2.584  1.00 25.07 ?  24  PRO A CD  1 
ATOM   178 N N   . LYS A 1 25 ? 2.454   5.031   -7.214  1.00 21.12 ?  25  LYS A N   1 
ATOM   179 C CA  . LYS A 1 25 ? 2.928   4.101   -8.243  1.00 23.72 ?  25  LYS A CA  1 
ATOM   180 C C   . LYS A 1 25 ? 4.310   3.551   -7.918  1.00 19.64 ?  25  LYS A C   1 
ATOM   181 O O   . LYS A 1 25 ? 4.556   2.343   -8.048  1.00 22.44 ?  25  LYS A O   1 
ATOM   182 C CB  . LYS A 1 25 ? 2.951   4.784   -9.609  1.00 28.35 ?  25  LYS A CB  1 
ATOM   183 C CG  . LYS A 1 25 ? 1.579   5.047   -10.197 1.00 32.29 ?  25  LYS A CG  1 
ATOM   184 C CD  . LYS A 1 25 ? 1.696   5.846   -11.487 1.00 42.05 ?  25  LYS A CD  1 
ATOM   185 C CE  . LYS A 1 25 ? 0.366   5.950   -12.206 1.00 56.47 ?  25  LYS A CE  1 
ATOM   186 N NZ  . LYS A 1 25 ? -0.664  6.598   -11.356 1.00 67.04 ?  25  LYS A NZ  1 
ATOM   187 N N   . ALA A 1 26 ? 5.219   4.413   -7.456  1.00 20.39 ?  26  ALA A N   1 
ATOM   188 C CA  . ALA A 1 26 ? 6.578   3.977   -7.172  1.00 19.59 ?  26  ALA A CA  1 
ATOM   189 C C   . ALA A 1 26 ? 6.618   2.962   -6.036  1.00 19.12 ?  26  ALA A C   1 
ATOM   190 O O   . ALA A 1 26 ? 7.434   2.024   -6.065  1.00 19.12 ?  26  ALA A O   1 
ATOM   191 C CB  . ALA A 1 26 ? 7.458   5.186   -6.858  1.00 22.43 ?  26  ALA A CB  1 
ATOM   192 N N   . GLU A 1 27 ? 5.735   3.110   -5.036  1.00 19.12 ?  27  GLU A N   1 
ATOM   193 C CA  . GLU A 1 27 ? 5.719   2.141   -3.952  1.00 18.75 ?  27  GLU A CA  1 
ATOM   194 C C   . GLU A 1 27 ? 5.116   0.829   -4.408  1.00 18.19 ?  27  GLU A C   1 
ATOM   195 O O   . GLU A 1 27 ? 5.556   -0.244  -3.977  1.00 22.08 ?  27  GLU A O   1 
ATOM   196 C CB  . GLU A 1 27 ? 4.940   2.677   -2.745  1.00 20.97 ?  27  GLU A CB  1 
ATOM   197 C CG  . GLU A 1 27 ? 5.581   3.879   -2.059  1.00 26.72 ?  27  GLU A CG  1 
ATOM   198 C CD  . GLU A 1 27 ? 6.906   3.557   -1.386  1.00 28.08 ?  27  GLU A CD  1 
ATOM   199 O OE1 . GLU A 1 27 ? 7.504   4.482   -0.798  1.00 39.70 ?  27  GLU A OE1 1 
ATOM   200 O OE2 . GLU A 1 27 ? 7.352   2.389   -1.436  1.00 27.16 -1 27  GLU A OE2 1 
ATOM   201 N N   . ARG A 1 28 ? 4.107   0.904   -5.281  1.00 18.38 ?  28  ARG A N   1 
ATOM   202 C CA  . ARG A 1 28 ? 3.573   -0.307  -5.893  1.00 18.48 ?  28  ARG A CA  1 
ATOM   203 C C   . ARG A 1 28 ? 4.658   -1.061  -6.643  1.00 20.56 ?  28  ARG A C   1 
ATOM   204 O O   . ARG A 1 28 ? 4.722   -2.296  -6.578  1.00 20.46 ?  28  ARG A O   1 
ATOM   205 C CB  . ARG A 1 28 ? 2.419   0.035   -6.833  1.00 20.09 ?  28  ARG A CB  1 
ATOM   206 C CG  . ARG A 1 28 ? 1.054   -0.052  -6.184  1.00 38.27 ?  28  ARG A CG  1 
ATOM   207 C CD  . ARG A 1 28 ? -0.018  0.394   -7.170  1.00 45.71 ?  28  ARG A CD  1 
ATOM   208 N NE  . ARG A 1 28 ? -0.243  1.832   -7.102  1.00 45.33 ?  28  ARG A NE  1 
ATOM   209 C CZ  . ARG A 1 28 ? -0.750  2.562   -8.088  1.00 40.29 ?  28  ARG A CZ  1 
ATOM   210 N NH1 . ARG A 1 28 ? -1.089  1.993   -9.239  1.00 39.52 ?  28  ARG A NH1 1 
ATOM   211 N NH2 . ARG A 1 28 ? -0.921  3.867   -7.917  1.00 36.83 ?  28  ARG A NH2 1 
ATOM   212 N N   . ALA A 1 29 ? 5.534   -0.343  -7.352  1.00 19.04 ?  29  ALA A N   1 
ATOM   213 C CA  . ALA A 1 29 ? 6.615   -1.002  -8.076  1.00 20.89 ?  29  ALA A CA  1 
ATOM   214 C C   . ALA A 1 29 ? 7.636   -1.608  -7.115  1.00 20.71 ?  29  ALA A C   1 
ATOM   215 O O   . ALA A 1 29 ? 8.084   -2.748  -7.309  1.00 25.16 ?  29  ALA A O   1 
ATOM   216 C CB  . ALA A 1 29 ? 7.273   -0.008  -9.035  1.00 22.95 ?  29  ALA A CB  1 
ATOM   217 N N   . LYS A 1 30 ? 7.958   -0.884  -6.067  1.00 19.06 ?  30  LYS A N   1 
ATOM   218 C CA  . LYS A 1 30 ? 8.958   -1.410  -5.134  1.00 21.28 ?  30  LYS A CA  1 
ATOM   219 C C   . LYS A 1 30 ? 8.469   -2.663  -4.415  1.00 20.69 ?  30  LYS A C   1 
ATOM   220 O O   . LYS A 1 30 ? 9.198   -3.567  -4.297  1.00 23.47 ?  30  LYS A O   1 
ATOM   221 C CB  . LYS A 1 30 ? 9.217   -0.348  -4.072  1.00 23.56 ?  30  LYS A CB  1 
ATOM   222 C CG  . LYS A 1 30 ? 10.333  -0.719  -3.112  1.00 27.48 ?  30  LYS A CG  1 
ATOM   223 C CD  . LYS A 1 30 ? 10.561  0.310   -2.061  1.00 40.09 ?  30  LYS A CD  1 
ATOM   224 C CE  . LYS A 1 30 ? 11.721  -0.068  -1.159  1.00 54.21 ?  30  LYS A CE  1 
ATOM   225 N NZ  . LYS A 1 30 ? 12.248  1.094   -0.404  1.00 64.18 ?  30  LYS A NZ  1 
ATOM   226 N N   . VAL A 1 31 ? 7.226   -2.676  -3.955  1.00 18.25 ?  31  VAL A N   1 
ATOM   227 C CA  . VAL A 1 31 ? 6.809   -3.879  -3.179  1.00 24.11 ?  31  VAL A CA  1 
ATOM   228 C C   . VAL A 1 31 ? 5.999   -4.858  -4.030  1.00 22.66 ?  31  VAL A C   1 
ATOM   229 O O   . VAL A 1 31 ? 5.682   -5.883  -3.547  1.00 23.91 ?  31  VAL A O   1 
ATOM   230 C CB  . VAL A 1 31 ? 6.093   -3.505  -1.878  1.00 21.32 ?  31  VAL A CB  1 
ATOM   231 C CG1 . VAL A 1 31 ? 6.865   -2.460  -1.109  1.00 22.64 ?  31  VAL A CG1 1 
ATOM   232 C CG2 . VAL A 1 31 ? 4.683   -3.053  -2.087  1.00 24.53 ?  31  VAL A CG2 1 
ATOM   233 N N   . GLY A 1 32 ? 5.712   -4.525  -5.270  1.00 25.98 ?  32  GLY A N   1 
ATOM   234 C CA  . GLY A 1 32 ? 4.991   -5.437  -6.172  1.00 30.83 ?  32  GLY A CA  1 
ATOM   235 C C   . GLY A 1 32 ? 3.496   -5.526  -5.931  1.00 25.46 ?  32  GLY A C   1 
ATOM   236 O O   . GLY A 1 32 ? 3.002   -6.621  -5.999  1.00 34.23 ?  32  GLY A O   1 
ATOM   237 N N   . ILE A 1 33 ? 2.838   -4.411  -5.672  1.00 22.29 ?  33  ILE A N   1 
ATOM   238 C CA  . ILE A 1 33 ? 1.403   -4.371  -5.411  1.00 21.72 ?  33  ILE A CA  1 
ATOM   239 C C   . ILE A 1 33 ? 0.667   -4.067  -6.708  1.00 22.25 ?  33  ILE A C   1 
ATOM   240 O O   . ILE A 1 33 ? 1.061   -3.168  -7.458  1.00 26.61 ?  33  ILE A O   1 
ATOM   241 C CB  . ILE A 1 33 ? 1.078   -3.313  -4.347  1.00 22.40 ?  33  ILE A CB  1 
ATOM   242 C CG1 . ILE A 1 33 ? 1.406   -3.849  -2.961  1.00 26.98 ?  33  ILE A CG1 1 
ATOM   243 C CG2 . ILE A 1 33 ? -0.383  -2.894  -4.443  1.00 23.79 ?  33  ILE A CG2 1 
ATOM   244 C CD1 . ILE A 1 33 ? 1.260   -2.812  -1.886  1.00 27.16 ?  33  ILE A CD1 1 
ATOM   245 N N   . LYS A 1 34 ? -0.394  -4.826  -6.976  1.00 22.64 ?  34  LYS A N   1 
ATOM   246 C CA  . LYS A 1 34 ? -1.393  -4.492  -7.977  1.00 24.38 ?  34  LYS A CA  1 
ATOM   247 C C   . LYS A 1 34 ? -2.749  -4.379  -7.290  1.00 17.49 ?  34  LYS A C   1 
ATOM   248 O O   . LYS A 1 34 ? -2.959  -4.917  -6.203  1.00 19.14 ?  34  LYS A O   1 
ATOM   249 C CB  . LYS A 1 34 ? -1.489  -5.585  -9.049  1.00 30.42 ?  34  LYS A CB  1 
ATOM   250 C CG  . LYS A 1 34 ? -0.220  -5.778  -9.862  1.00 42.79 ?  34  LYS A CG  1 
ATOM   251 C CD  . LYS A 1 34 ? -0.325  -7.008  -10.741 1.00 55.23 ?  34  LYS A CD  1 
ATOM   252 C CE  . LYS A 1 34 ? -0.569  -8.252  -9.900  1.00 63.34 ?  34  LYS A CE  1 
ATOM   253 N NZ  . LYS A 1 34 ? -1.338  -9.293  -10.647 1.00 70.49 ?  34  LYS A NZ  1 
ATOM   254 N N   A VAL A 1 35 ? -3.681  -3.672  -7.928  0.71 18.37 ?  35  VAL A N   1 
ATOM   255 N N   B VAL A 1 35 ? -3.616  -3.730  -7.880  0.29 18.77 ?  35  VAL A N   1 
ATOM   256 C CA  A VAL A 1 35 ? -5.037  -3.620  -7.394  0.71 17.74 ?  35  VAL A CA  1 
ATOM   257 C CA  B VAL A 1 35 ? -4.971  -3.678  -7.345  0.29 17.95 ?  35  VAL A CA  1 
ATOM   258 C C   A VAL A 1 35 ? -5.574  -5.034  -7.208  0.71 15.96 ?  35  VAL A C   1 
ATOM   259 C C   B VAL A 1 35 ? -5.508  -5.093  -7.159  0.29 15.90 ?  35  VAL A C   1 
ATOM   260 O O   A VAL A 1 35 ? -5.411  -5.908  -8.069  0.71 17.64 ?  35  VAL A O   1 
ATOM   261 O O   B VAL A 1 35 ? -5.346  -5.966  -8.021  0.29 17.76 ?  35  VAL A O   1 
ATOM   262 C CB  A VAL A 1 35 ? -5.947  -2.805  -8.323  0.71 21.86 ?  35  VAL A CB  1 
ATOM   263 C CB  B VAL A 1 35 ? -5.882  -2.864  -8.275  0.29 22.39 ?  35  VAL A CB  1 
ATOM   264 C CG1 A VAL A 1 35 ? -7.327  -2.652  -7.710  0.71 30.06 ?  35  VAL A CG1 1 
ATOM   265 C CG1 B VAL A 1 35 ? -5.988  -3.536  -9.630  0.29 19.68 ?  35  VAL A CG1 1 
ATOM   266 C CG2 A VAL A 1 35 ? -5.350  -1.453  -8.574  0.71 24.68 ?  35  VAL A CG2 1 
ATOM   267 C CG2 B VAL A 1 35 ? -7.245  -2.723  -7.668  0.29 27.45 ?  35  VAL A CG2 1 
ATOM   268 N N   . GLY A 1 36 ? -6.194  -5.278  -6.065  1.00 17.14 ?  36  GLY A N   1 
ATOM   269 C CA  . GLY A 1 36 ? -6.686  -6.599  -5.737  1.00 18.59 ?  36  GLY A CA  1 
ATOM   270 C C   . GLY A 1 36 ? -5.792  -7.410  -4.819  1.00 18.03 ?  36  GLY A C   1 
ATOM   271 O O   . GLY A 1 36 ? -6.251  -8.425  -4.271  1.00 21.01 ?  36  GLY A O   1 
ATOM   272 N N   . ASP A 1 37 ? -4.551  -6.987  -4.680  1.00 15.92 ?  37  ASP A N   1 
ATOM   273 C CA  . ASP A 1 37 ? -3.588  -7.747  -3.854  1.00 14.72 ?  37  ASP A CA  1 
ATOM   274 C C   . ASP A 1 37 ? -3.870  -7.583  -2.356  1.00 13.98 ?  37  ASP A C   1 
ATOM   275 O O   . ASP A 1 37 ? -4.241  -6.561  -1.917  1.00 15.39 ?  37  ASP A O   1 
ATOM   276 C CB  . ASP A 1 37 ? -2.155  -7.314  -4.134  1.00 16.90 ?  37  ASP A CB  1 
ATOM   277 C CG  . ASP A 1 37 ? -1.554  -7.802  -5.424  1.00 21.35 ?  37  ASP A CG  1 
ATOM   278 O OD1 . ASP A 1 37 ? -2.182  -8.548  -6.110  1.00 21.85 ?  37  ASP A OD1 1 
ATOM   279 O OD2 . ASP A 1 37 ? -0.474  -7.406  -5.693  1.00 23.36 -1 37  ASP A OD2 1 
ATOM   280 N N   . VAL A 1 38 ? -3.654  -8.653  -1.649  1.00 16.84 ?  38  VAL A N   1 
ATOM   281 C CA  . VAL A 1 38 ? -3.773  -8.701  -0.181  1.00 17.64 ?  38  VAL A CA  1 
ATOM   282 C C   . VAL A 1 38 ? -2.511  -8.107  0.412   1.00 15.05 ?  38  VAL A C   1 
ATOM   283 O O   . VAL A 1 38 ? -1.464  -8.400  -0.038  1.00 16.93 ?  38  VAL A O   1 
ATOM   284 C CB  . VAL A 1 38 ? -3.993  -10.149 0.295   1.00 17.55 ?  38  VAL A CB  1 
ATOM   285 C CG1 . VAL A 1 38 ? -3.876  -10.286 1.786   1.00 18.11 ?  38  VAL A CG1 1 
ATOM   286 C CG2 . VAL A 1 38 ? -5.351  -10.654 -0.157  1.00 18.29 ?  38  VAL A CG2 1 
ATOM   287 N N   . VAL A 1 39 ? -2.716  -7.226  1.356   1.00 14.86 ?  39  VAL A N   1 
ATOM   288 C CA  . VAL A 1 39 ? -1.615  -6.587  2.105   1.00 15.82 ?  39  VAL A CA  1 
ATOM   289 C C   . VAL A 1 39 ? -1.919  -6.657  3.598   1.00 14.81 ?  39  VAL A C   1 
ATOM   290 O O   . VAL A 1 39 ? -2.998  -6.933  3.972   1.00 16.78 ?  39  VAL A O   1 
ATOM   291 C CB  . VAL A 1 39 ? -1.423  -5.120  1.657   1.00 17.99 ?  39  VAL A CB  1 
ATOM   292 C CG1 . VAL A 1 39 ? -1.043  -5.002  0.204   1.00 16.93 ?  39  VAL A CG1 1 
ATOM   293 C CG2 . VAL A 1 39 ? -2.650  -4.273  1.949   1.00 19.03 ?  39  VAL A CG2 1 
ATOM   294 N N   . GLU A 1 40 ? -0.895  -6.391  4.390   1.00 14.61 ?  40  GLU A N   1 
ATOM   295 C CA  . GLU A 1 40 ? -1.002  -6.250  5.858   1.00 18.62 ?  40  GLU A CA  1 
ATOM   296 C C   . GLU A 1 40 ? -0.644  -4.810  6.210   1.00 14.64 ?  40  GLU A C   1 
ATOM   297 O O   . GLU A 1 40 ? 0.335   -4.357  5.723   1.00 19.05 ?  40  GLU A O   1 
ATOM   298 C CB  . GLU A 1 40 ? -0.021  -7.175  6.566   1.00 23.44 ?  40  GLU A CB  1 
ATOM   299 C CG  . GLU A 1 40 ? -0.553  -8.544  6.814   1.00 34.59 ?  40  GLU A CG  1 
ATOM   300 C CD  . GLU A 1 40 ? 0.150   -9.292  7.933   1.00 39.14 ?  40  GLU A CD  1 
ATOM   301 O OE1 . GLU A 1 40 ? -0.526  -10.029 8.664   1.00 41.69 ?  40  GLU A OE1 1 
ATOM   302 O OE2 . GLU A 1 40 ? 1.315   -9.131  8.037   1.00 37.82 -1 40  GLU A OE2 1 
ATOM   303 N N   . VAL A 1 41 ? -1.488  -4.146  6.978   1.00 16.48 ?  41  VAL A N   1 
ATOM   304 C CA  . VAL A 1 41 ? -1.264  -2.798  7.490   1.00 14.34 ?  41  VAL A CA  1 
ATOM   305 C C   . VAL A 1 41 ? -0.962  -2.910  8.977   1.00 16.12 ?  41  VAL A C   1 
ATOM   306 O O   . VAL A 1 41 ? -1.735  -3.517  9.731   1.00 17.83 ?  41  VAL A O   1 
ATOM   307 C CB  . VAL A 1 41 ? -2.488  -1.898  7.249   1.00 18.13 ?  41  VAL A CB  1 
ATOM   308 C CG1 . VAL A 1 41 ? -2.250  -0.496  7.799   1.00 19.43 ?  41  VAL A CG1 1 
ATOM   309 C CG2 . VAL A 1 41 ? -2.837  -1.880  5.755   1.00 19.79 ?  41  VAL A CG2 1 
ATOM   310 N N   . LYS A 1 42 ? 0.149   -2.327  9.376   1.00 17.15 ?  42  LYS A N   1 
ATOM   311 C CA  . LYS A 1 42 ? 0.609   -2.370  10.771  1.00 19.43 ?  42  LYS A CA  1 
ATOM   312 C C   . LYS A 1 42 ? 0.728   -0.956  11.318  1.00 18.57 ?  42  LYS A C   1 
ATOM   313 O O   . LYS A 1 42 ? 1.259   -0.150  10.684  1.00 18.02 ?  42  LYS A O   1 
ATOM   314 C CB  . LYS A 1 42 ? 1.988   -3.014  10.809  1.00 22.96 ?  42  LYS A CB  1 
ATOM   315 C CG  . LYS A 1 42 ? 2.527   -3.207  12.208  1.00 27.82 ?  42  LYS A CG  1 
ATOM   316 C CD  . LYS A 1 42 ? 3.805   -3.974  12.288  1.00 42.72 ?  42  LYS A CD  1 
ATOM   317 C CE  . LYS A 1 42 ? 3.697   -5.406  11.803  1.00 58.38 ?  42  LYS A CE  1 
ATOM   318 N NZ  . LYS A 1 42 ? 5.003   -6.114  11.857  1.00 66.50 ?  42  LYS A NZ  1 
ATOM   319 N N   . LYS A 1 43 ? 0.132   -0.698  12.461  1.00 17.15 ?  43  LYS A N   1 
ATOM   320 C CA  . LYS A 1 43 ? 0.367   0.595   13.084  1.00 19.54 ?  43  LYS A CA  1 
ATOM   321 C C   . LYS A 1 43 ? 1.788   0.672   13.644  1.00 20.91 ?  43  LYS A C   1 
ATOM   322 O O   . LYS A 1 43 ? 2.274   -0.259  14.290  1.00 22.21 ?  43  LYS A O   1 
ATOM   323 C CB  . LYS A 1 43 ? -0.640  0.894   14.193  1.00 27.04 ?  43  LYS A CB  1 
ATOM   324 C CG  . LYS A 1 43 ? -0.398  2.292   14.750  1.00 28.56 ?  43  LYS A CG  1 
ATOM   325 C CD  . LYS A 1 43 ? -1.398  2.734   15.778  1.00 39.97 ?  43  LYS A CD  1 
ATOM   326 C CE  . LYS A 1 43 ? -1.090  4.173   16.191  1.00 36.07 ?  43  LYS A CE  1 
ATOM   327 N NZ  . LYS A 1 43 ? -2.113  4.727   17.113  1.00 47.14 ?  43  LYS A NZ  1 
ATOM   328 N N   . VAL A 1 44 ? 2.454   1.798   13.408  1.00 20.86 ?  44  VAL A N   1 
ATOM   329 C CA  . VAL A 1 44 ? 3.815   1.997   13.891  1.00 19.82 ?  44  VAL A CA  1 
ATOM   330 C C   . VAL A 1 44 ? 3.818   2.643   15.276  1.00 22.56 ?  44  VAL A C   1 
ATOM   331 O O   . VAL A 1 44 ? 3.013   3.525   15.558  1.00 26.94 ?  44  VAL A O   1 
ATOM   332 C CB  . VAL A 1 44 ? 4.665   2.782   12.840  1.00 23.64 ?  44  VAL A CB  1 
ATOM   333 C CG1 . VAL A 1 44 ? 6.042   3.137   13.402  1.00 22.73 ?  44  VAL A CG1 1 
ATOM   334 C CG2 . VAL A 1 44 ? 4.774   1.992   11.511  1.00 21.47 ?  44  VAL A CG2 1 
ATOM   335 O OXT . VAL A 1 44 ? 4.626   2.291   16.136  1.00 28.63 -1 44  VAL A OXT 1 
HETATM 336 S S   . SO4 B 2 .  ? -2.684  -1.363  -10.959 1.00 27.73 ?  101 SO4 A S   1 
HETATM 337 O O1  . SO4 B 2 .  ? -1.628  -1.188  -11.946 1.00 35.00 ?  101 SO4 A O1  1 
HETATM 338 O O2  . SO4 B 2 .  ? -2.555  -0.319  -9.945  1.00 29.82 ?  101 SO4 A O2  1 
HETATM 339 O O3  . SO4 B 2 .  ? -3.989  -1.269  -11.610 1.00 30.27 -1 101 SO4 A O3  1 
HETATM 340 O O4  . SO4 B 2 .  ? -2.553  -2.688  -10.371 1.00 35.54 ?  101 SO4 A O4  1 
HETATM 341 C C1  . CIT C 3 .  ? 4.395   8.189   -7.408  1.00 67.04 ?  102 CIT A C1  1 
HETATM 342 O O1  . CIT C 3 .  ? 4.619   8.981   -6.493  1.00 69.25 ?  102 CIT A O1  1 
HETATM 343 O O2  . CIT C 3 .  ? 5.083   7.252   -7.576  1.00 62.42 ?  102 CIT A O2  1 
HETATM 344 C C2  . CIT C 3 .  ? 3.298   8.486   -8.428  1.00 65.76 ?  102 CIT A C2  1 
HETATM 345 C C3  . CIT C 3 .  ? 1.912   8.937   -7.952  1.00 64.04 ?  102 CIT A C3  1 
HETATM 346 O O7  . CIT C 3 .  ? 1.390   9.886   -8.856  1.00 62.93 ?  102 CIT A O7  1 
HETATM 347 C C4  . CIT C 3 .  ? 0.987   7.721   -7.913  1.00 56.17 ?  102 CIT A C4  1 
HETATM 348 C C5  . CIT C 3 .  ? -0.333  7.904   -8.647  1.00 56.44 ?  102 CIT A C5  1 
HETATM 349 O O3  . CIT C 3 .  ? -0.395  8.921   -9.264  1.00 58.62 ?  102 CIT A O3  1 
HETATM 350 O O4  . CIT C 3 .  ? -1.274  7.082   -8.572  1.00 52.33 ?  102 CIT A O4  1 
HETATM 351 C C6  . CIT C 3 .  ? 2.020   9.579   -6.558  1.00 72.93 ?  102 CIT A C6  1 
HETATM 352 O O5  . CIT C 3 .  ? 2.680   10.592  -6.423  1.00 74.99 ?  102 CIT A O5  1 
HETATM 353 O O6  . CIT C 3 .  ? 1.462   9.018   -5.660  1.00 77.03 ?  102 CIT A O6  1 
HETATM 354 O O   . HOH D 4 .  ? 10.380  0.498   0.968   1.00 45.18 ?  201 HOH A O   1 
HETATM 355 O O   . HOH D 4 .  ? 7.271   -5.974  10.837  1.00 55.71 ?  202 HOH A O   1 
HETATM 356 O O   . HOH D 4 .  ? 5.838   3.629   17.886  1.00 25.11 ?  203 HOH A O   1 
HETATM 357 O O   . HOH D 4 .  ? -3.465  6.857   17.122  1.00 46.93 ?  204 HOH A O   1 
HETATM 358 O O   . HOH D 4 .  ? 6.650   -7.742  -1.712  1.00 29.12 ?  205 HOH A O   1 
HETATM 359 O O   . HOH D 4 .  ? -1.950  7.837   2.398   1.00 22.88 ?  206 HOH A O   1 
HETATM 360 O O   . HOH D 4 .  ? -2.334  -11.147 -5.701  1.00 47.86 ?  207 HOH A O   1 
HETATM 361 O O   . HOH D 4 .  ? -15.516 0.457   0.784   1.00 48.20 ?  208 HOH A O   1 
HETATM 362 O O   . HOH D 4 .  ? -4.196  -8.352  -7.950  1.00 25.43 ?  209 HOH A O   1 
HETATM 363 O O   . HOH D 4 .  ? 6.135   0.119   15.873  1.00 55.16 ?  210 HOH A O   1 
HETATM 364 O O   . HOH D 4 .  ? 2.914   -6.995  8.471   1.00 45.61 ?  211 HOH A O   1 
HETATM 365 O O   . HOH D 4 .  ? -0.550  -10.224 -1.854  1.00 27.61 ?  212 HOH A O   1 
HETATM 366 O O   . HOH D 4 .  ? 1.365   8.669   3.149   1.00 50.24 ?  213 HOH A O   1 
HETATM 367 O O   . HOH D 4 .  ? -2.742  12.191  6.920   1.00 18.97 ?  214 HOH A O   1 
HETATM 368 O O   . HOH D 4 .  ? 1.387   7.448   0.692   1.00 48.33 ?  215 HOH A O   1 
HETATM 369 O O   . HOH D 4 .  ? -6.801  12.793  0.249   1.00 48.38 ?  216 HOH A O   1 
HETATM 370 O O   . HOH D 4 .  ? -2.545  5.818   -5.778  1.00 23.85 ?  217 HOH A O   1 
HETATM 371 O O   . HOH D 4 .  ? -11.487 6.921   -1.149  1.00 35.84 ?  218 HOH A O   1 
HETATM 372 O O   . HOH D 4 .  ? 8.815   3.512   2.951   1.00 20.93 ?  219 HOH A O   1 
HETATM 373 O O   . HOH D 4 .  ? -4.651  -5.768  -10.886 1.00 30.07 ?  220 HOH A O   1 
HETATM 374 O O   . HOH D 4 .  ? -6.175  13.385  4.514   1.00 23.60 ?  221 HOH A O   1 
HETATM 375 O O   . HOH D 4 .  ? 4.012   6.256   0.988   1.00 36.18 ?  222 HOH A O   1 
HETATM 376 O O   . HOH D 4 .  ? -3.113  -11.153 -3.194  1.00 27.67 ?  223 HOH A O   1 
HETATM 377 O O   . HOH D 4 .  ? 7.905   6.177   3.041   1.00 33.59 ?  224 HOH A O   1 
HETATM 378 O O   . HOH D 4 .  ? 10.871  -3.679  2.516   1.00 33.71 ?  225 HOH A O   1 
HETATM 379 O O   . HOH D 4 .  ? 7.022   6.964   -2.509  1.00 43.38 ?  226 HOH A O   1 
HETATM 380 O O   . HOH D 4 .  ? 3.400   -4.109  -9.339  1.00 50.43 ?  227 HOH A O   1 
HETATM 381 O O   . HOH D 4 .  ? 3.527   -7.232  -9.133  1.00 54.89 ?  228 HOH A O   1 
HETATM 382 O O   . HOH D 4 .  ? -3.143  -10.396 10.584  1.00 43.33 ?  229 HOH A O   1 
HETATM 383 O O   . HOH D 4 .  ? 5.393   2.500   -11.306 1.00 52.80 ?  230 HOH A O   1 
HETATM 384 O O   . HOH D 4 .  ? 10.862  -10.005 2.383   1.00 43.83 ?  231 HOH A O   1 
HETATM 385 O O   . HOH D 4 .  ? -7.881  15.249  3.326   1.00 29.62 ?  232 HOH A O   1 
HETATM 386 O O   . HOH D 4 .  ? 3.001   -4.636  7.903   0.50 34.97 ?  233 HOH A O   1 
HETATM 387 O O   . HOH D 4 .  ? 11.127  -1.721  4.223   1.00 51.04 ?  234 HOH A O   1 
HETATM 388 O O   . HOH D 4 .  ? 5.695   7.546   -0.645  1.00 47.50 ?  235 HOH A O   1 
HETATM 389 O O   . HOH D 4 .  ? 8.335   7.831   0.958   1.00 64.67 ?  236 HOH A O   1 
HETATM 390 O O   . HOH D 4 .  ? 12.141  -8.238  3.074   1.00 63.09 ?  237 HOH A O   1 
HETATM 391 O O   . HOH D 4 .  ? 10.651  2.894   4.827   1.00 30.37 ?  238 HOH A O   1 
HETATM 392 O O   . HOH D 4 .  ? -1.574  10.569  1.484   1.00 31.12 ?  239 HOH A O   1 
HETATM 393 O O   . HOH D 4 .  ? 9.293   7.017   5.313   1.00 55.86 ?  240 HOH A O   1 
# 
loop_
_atom_site_anisotrop.id 
_atom_site_anisotrop.type_symbol 
_atom_site_anisotrop.pdbx_label_atom_id 
_atom_site_anisotrop.pdbx_label_alt_id 
_atom_site_anisotrop.pdbx_label_comp_id 
_atom_site_anisotrop.pdbx_label_asym_id 
_atom_site_anisotrop.pdbx_label_seq_id 
_atom_site_anisotrop.pdbx_PDB_ins_code 
_atom_site_anisotrop.U[1][1] 
_atom_site_anisotrop.U[2][2] 
_atom_site_anisotrop.U[3][3] 
_atom_site_anisotrop.U[1][2] 
_atom_site_anisotrop.U[1][3] 
_atom_site_anisotrop.U[2][3] 
_atom_site_anisotrop.pdbx_auth_seq_id 
_atom_site_anisotrop.pdbx_auth_comp_id 
_atom_site_anisotrop.pdbx_auth_asym_id 
_atom_site_anisotrop.pdbx_auth_atom_id 
1   N N   . GLY A 1  ? 1.0277 0.5032 0.4824 0.1546  0.0987  -0.1764 1  GLY A N   
2   C CA  . GLY A 1  ? 0.9529 0.4800 0.4522 0.1397  0.1125  -0.1556 1  GLY A CA  
3   C C   . GLY A 1  ? 0.9180 0.4871 0.4919 0.1406  0.1414  -0.1442 1  GLY A C   
4   O O   . GLY A 1  ? 0.9804 0.5409 0.5677 0.1577  0.1564  -0.1502 1  GLY A O   
5   N N   . PRO A 2  ? 0.9137 0.5283 0.5375 0.1252  0.1464  -0.1288 2  PRO A N   
6   C CA  . PRO A 2  ? 0.9124 0.5690 0.6139 0.1288  0.1643  -0.1199 2  PRO A CA  
7   C C   . PRO A 2  ? 0.8187 0.4540 0.5417 0.1233  0.1352  -0.1267 2  PRO A C   
8   O O   . PRO A 2  ? 0.8222 0.4206 0.5177 0.1072  0.1035  -0.1371 2  PRO A O   
9   C CB  . PRO A 2  ? 0.8428 0.5470 0.5824 0.1127  0.1731  -0.1029 2  PRO A CB  
10  C CG  . PRO A 2  ? 0.8390 0.5198 0.5225 0.0962  0.1478  -0.1045 2  PRO A CG  
11  C CD  . PRO A 2  ? 0.9141 0.5446 0.5246 0.1086  0.1372  -0.1185 2  PRO A CD  
12  N N   . MET A 3  ? 0.7088 0.3685 0.4887 0.1376  0.1453  -0.1203 3  MET A N   
13  C CA  . MET A 3  ? 0.6930 0.3259 0.4884 0.1354  0.1213  -0.1189 3  MET A CA  
14  C C   . MET A 3  ? 0.6889 0.3335 0.5005 0.1062  0.1002  -0.1050 3  MET A C   
15  O O   . MET A 3  ? 0.6079 0.3088 0.4508 0.0951  0.1026  -0.0917 3  MET A O   
16  C CB  . MET A 3  ? 0.7636 0.4249 0.6137 0.1635  0.1296  -0.1135 3  MET A CB  
17  C CG  . MET A 3  ? 0.8131 0.4721 0.6623 0.1903  0.1485  -0.1270 3  MET A CG  
18  S SD  . MET A 3  ? 0.8850 0.4641 0.6809 0.1935  0.1291  -0.1397 3  MET A SD  
19  C CE  . MET A 3  ? 0.8696 0.4438 0.7054 0.2079  0.1101  -0.1266 3  MET A CE  
20  N N   . PRO A 4  ? 0.6681 0.2682 0.4687 0.0894  0.0799  -0.1052 4  PRO A N   
21  C CA  . PRO A 4  ? 0.6147 0.2369 0.4414 0.0599  0.0649  -0.0883 4  PRO A CA  
22  C C   . PRO A 4  ? 0.5833 0.2393 0.4450 0.0723  0.0661  -0.0661 4  PRO A C   
23  O O   . PRO A 4  ? 0.6624 0.3170 0.5340 0.1035  0.0709  -0.0657 4  PRO A O   
24  C CB  . PRO A 4  ? 0.6908 0.2485 0.5047 0.0412  0.0545  -0.0957 4  PRO A CB  
25  C CG  . PRO A 4  ? 0.7509 0.2748 0.5490 0.0659  0.0586  -0.1039 4  PRO A CG  
26  C CD  . PRO A 4  ? 0.7763 0.3220 0.5563 0.0913  0.0710  -0.1170 4  PRO A CD  
27  N N   . GLY A 5  ? 0.5169 0.2022 0.3964 0.0516  0.0578  -0.0503 5  GLY A N   
28  C CA  . GLY A 5  ? 0.5275 0.2347 0.4259 0.0648  0.0521  -0.0317 5  GLY A CA  
29  C C   . GLY A 5  ? 0.5212 0.2981 0.4572 0.0706  0.0496  -0.0295 5  GLY A C   
30  O O   . GLY A 5  ? 0.5174 0.3129 0.4710 0.0842  0.0367  -0.0195 5  GLY A O   
31  N N   . LYS A 6  ? 0.4049 0.2124 0.3486 0.0619  0.0614  -0.0393 6  LYS A N   
32  C CA  . LYS A 6  ? 0.4050 0.2712 0.3872 0.0594  0.0644  -0.0348 6  LYS A CA  
33  C C   . LYS A 6  ? 0.3401 0.2217 0.3178 0.0361  0.0507  -0.0224 6  LYS A C   
34  O O   . LYS A 6  ? 0.3431 0.1993 0.2934 0.0186  0.0448  -0.0204 6  LYS A O   
35  C CB  . LYS A 6  ? 0.3827 0.2608 0.3605 0.0593  0.0908  -0.0447 6  LYS A CB  
36  C CG  . LYS A 6  ? 0.4635 0.3344 0.4548 0.0865  0.1120  -0.0573 6  LYS A CG  
37  C CD  . LYS A 6  ? 0.5197 0.3980 0.5023 0.0891  0.1496  -0.0634 6  LYS A CD  
38  C CE  . LYS A 6  ? 0.7330 0.5652 0.6739 0.1119  0.1699  -0.0791 6  LYS A CE  
39  N NZ  . LYS A 6  ? 0.8212 0.6421 0.7873 0.1352  0.1567  -0.0857 6  LYS A NZ  
40  N N   . LYS A 7  ? 0.2979 0.2228 0.3114 0.0361  0.0456  -0.0167 7  LYS A N   
41  C CA  . LYS A 7  ? 0.2713 0.2071 0.2785 0.0204  0.0318  -0.0054 7  LYS A CA  
42  C C   . LYS A 7  ? 0.2444 0.2203 0.2792 0.0113  0.0360  -0.0047 7  LYS A C   
43  O O   . LYS A 7  ? 0.2429 0.2425 0.3152 0.0169  0.0517  -0.0113 7  LYS A O   
44  C CB  . LYS A 7  ? 0.3156 0.2371 0.3181 0.0345  0.0126  0.0039  7  LYS A CB  
45  C CG  . LYS A 7  ? 0.3878 0.3296 0.4280 0.0612  -0.0027 -0.0027 7  LYS A CG  
46  C CD  . LYS A 7  ? 0.5455 0.4504 0.5531 0.0860  -0.0261 0.0051  7  LYS A CD  
47  C CE  . LYS A 7  ? 0.6549 0.5914 0.7059 0.1115  -0.0579 -0.0062 7  LYS A CE  
48  N NZ  . LYS A 7  ? 0.7829 0.6894 0.8240 0.1524  -0.0802 -0.0122 7  LYS A NZ  
49  N N   . PHE A 8  ? 0.2141 0.1943 0.2336 -0.0032 0.0266  0.0034  8  PHE A N   
50  C CA  . PHE A 8  ? 0.1903 0.1975 0.2304 -0.0117 0.0271  0.0063  8  PHE A CA  
51  C C   . PHE A 8  ? 0.2063 0.2142 0.2347 -0.0152 0.0063  0.0147  8  PHE A C   
52  O O   . PHE A 8  ? 0.2041 0.1922 0.2058 -0.0144 -0.0001 0.0200  8  PHE A O   
53  C CB  . PHE A 8  ? 0.2441 0.2431 0.2573 -0.0230 0.0471  0.0061  8  PHE A CB  
54  C CG  . PHE A 8  ? 0.2870 0.2641 0.2518 -0.0302 0.0366  0.0065  8  PHE A CG  
55  C CD1 . PHE A 8  ? 0.3339 0.2860 0.2738 -0.0283 0.0353  -0.0027 8  PHE A CD1 
56  C CD2 . PHE A 8  ? 0.3145 0.2965 0.2667 -0.0379 0.0248  0.0126  8  PHE A CD2 
57  C CE1 . PHE A 8  ? 0.3251 0.2641 0.2402 -0.0358 0.0195  -0.0085 8  PHE A CE1 
58  C CE2 . PHE A 8  ? 0.3468 0.3180 0.2716 -0.0417 0.0107  0.0085  8  PHE A CE2 
59  C CZ  . PHE A 8  ? 0.3508 0.3038 0.2633 -0.0416 0.0065  -0.0035 8  PHE A CZ  
60  N N   . VAL A 9  ? 0.1736 0.2005 0.2240 -0.0195 0.0001  0.0154  9  VAL A N   
61  C CA  . VAL A 9  ? 0.2023 0.2273 0.2397 -0.0183 -0.0199 0.0207  9  VAL A CA  
62  C C   . VAL A 9  ? 0.2050 0.2272 0.2187 -0.0321 -0.0137 0.0260  9  VAL A C   
63  O O   . VAL A 9  ? 0.2373 0.2601 0.2530 -0.0412 0.0021  0.0254  9  VAL A O   
64  C CB  . VAL A 9  ? 0.2103 0.2522 0.2901 -0.0098 -0.0403 0.0124  9  VAL A CB  
65  C CG1 . VAL A 9  ? 0.2934 0.3233 0.3467 -0.0054 -0.0621 0.0155  9  VAL A CG1 
66  C CG2 . VAL A 9  ? 0.2979 0.3393 0.3965 0.0126  -0.0555 0.0043  9  VAL A CG2 
67  N N   . ALA A 10 ? 0.2275 0.2416 0.2144 -0.0303 -0.0233 0.0317  10 ALA A N   
68  C CA  . ALA A 10 ? 0.2538 0.2663 0.2199 -0.0372 -0.0229 0.0343  10 ALA A CA  
69  C C   . ALA A 10 ? 0.2434 0.2532 0.1966 -0.0295 -0.0343 0.0390  10 ALA A C   
70  O O   . ALA A 10 ? 0.2513 0.2523 0.1992 -0.0181 -0.0397 0.0412  10 ALA A O   
71  C CB  . ALA A 10 ? 0.3265 0.3350 0.2790 -0.0420 -0.0177 0.0306  10 ALA A CB  
72  N N   . ARG A 11 ? 0.3149 0.3247 0.2586 -0.0294 -0.0350 0.0375  11 ARG A N   
73  C CA  . ARG A 11 ? 0.2809 0.2874 0.2201 -0.0163 -0.0354 0.0355  11 ARG A CA  
74  C C   . ARG A 11 ? 0.2593 0.2790 0.2001 -0.0190 -0.0345 0.0370  11 ARG A C   
75  O O   . ARG A 11 ? 0.3132 0.3384 0.2556 -0.0244 -0.0394 0.0323  11 ARG A O   
76  C CB  . ARG A 11 ? 0.3070 0.3058 0.2420 -0.0117 -0.0402 0.0315  11 ARG A CB  
77  C CG  . ARG A 11 ? 0.4445 0.4398 0.3721 0.0026  -0.0431 0.0297  11 ARG A CG  
78  C CD  . ARG A 11 ? 0.3590 0.3412 0.2840 -0.0009 -0.0530 0.0274  11 ARG A CD  
79  N NE  . ARG A 11 ? 0.3377 0.3075 0.2721 -0.0091 -0.0705 0.0251  11 ARG A NE  
80  C CZ  . ARG A 11 ? 0.3125 0.2742 0.2466 0.0011  -0.0829 0.0175  11 ARG A CZ  
81  N NH1 . ARG A 11 ? 0.3753 0.3338 0.2886 0.0158  -0.0758 0.0174  11 ARG A NH1 
82  N NH2 . ARG A 11 ? 0.4153 0.3732 0.3771 -0.0045 -0.1049 0.0093  11 ARG A NH2 
83  N N   . VAL A 12 ? 0.2920 0.1574 0.1957 -0.0359 -0.0160 0.0223  12 VAL A N   
84  C CA  . VAL A 12 ? 0.2791 0.1594 0.1992 -0.0179 -0.0076 0.0096  12 VAL A CA  
85  C C   . VAL A 12 ? 0.2724 0.1256 0.1865 -0.0048 -0.0179 0.0061  12 VAL A C   
86  O O   . VAL A 12 ? 0.3082 0.1242 0.2015 -0.0043 -0.0225 -0.0004 12 VAL A O   
87  C CB  . VAL A 12 ? 0.2677 0.1611 0.1899 -0.0113 0.0093  0.0013  12 VAL A CB  
88  C CG1 . VAL A 12 ? 0.2650 0.1740 0.2129 0.0082  0.0189  -0.0080 12 VAL A CG1 
89  C CG2 . VAL A 12 ? 0.2803 0.2054 0.2261 -0.0241 0.0198  0.0135  12 VAL A CG2 
90  N N   . ALA A 13 ? 0.2840 0.1575 0.2214 0.0043  -0.0220 0.0109  13 ALA A N   
91  C CA  . ALA A 13 ? 0.3176 0.1758 0.2674 0.0178  -0.0313 0.0179  13 ALA A CA  
92  C C   . ALA A 13 ? 0.2990 0.1826 0.2815 0.0348  -0.0243 0.0146  13 ALA A C   
93  O O   . ALA A 13 ? 0.2698 0.1841 0.2649 0.0343  -0.0147 0.0067  13 ALA A O   
94  C CB  . ALA A 13 ? 0.3159 0.1865 0.2678 0.0102  -0.0485 0.0410  13 ALA A CB  
95  N N   . GLU A 14 ? 0.2946 0.1669 0.3020 0.0498  -0.0291 0.0245  14 GLU A N   
96  C CA  . GLU A 14 ? 0.2886 0.1896 0.3392 0.0659  -0.0262 0.0312  14 GLU A CA  
97  C C   . GLU A 14 ? 0.3235 0.2605 0.3937 0.0621  -0.0492 0.0598  14 GLU A C   
98  O O   . GLU A 14 ? 0.3542 0.2766 0.4213 0.0594  -0.0616 0.0794  14 GLU A O   
99  C CB  . GLU A 14 ? 0.4212 0.2870 0.4977 0.0877  -0.0106 0.0251  14 GLU A CB  
100 C CG  . GLU A 14 ? 0.5804 0.4770 0.7125 0.1062  -0.0036 0.0359  14 GLU A CG  
101 C CD  . GLU A 14 ? 0.8041 0.6653 0.9775 0.1293  0.0116  0.0378  14 GLU A CD  
102 O OE1 . GLU A 14 ? 0.8740 0.7008 1.0420 0.1264  0.0047  0.0412  14 GLU A OE1 
103 O OE2 . GLU A 14 ? 0.9173 0.7927 1.1163 0.1423  0.0294  0.0326  14 GLU A OE2 
104 N N   . ALA A 15 ? 0.3305 0.3182 0.4220 0.0602  -0.0561 0.0639  15 ALA A N   
105 C CA  . ALA A 15 ? 0.3345 0.3697 0.4396 0.0543  -0.0806 0.0912  15 ALA A CA  
106 C C   . ALA A 15 ? 0.3399 0.4209 0.4889 0.0597  -0.0858 0.0947  15 ALA A C   
107 O O   . ALA A 15 ? 0.3063 0.4035 0.4565 0.0530  -0.0781 0.0709  15 ALA A O   
108 C CB  . ALA A 15 ? 0.3441 0.4047 0.4037 0.0311  -0.0908 0.0855  15 ALA A CB  
109 N N   . ASP A 16 ? 0.4393 0.5433 0.6351 0.0712  -0.0992 0.1284  16 ASP A N   
110 C CA  . ASP A 16 ? 0.4477 0.5983 0.6981 0.0768  -0.1073 0.1401  16 ASP A CA  
111 C C   . ASP A 16 ? 0.3766 0.5033 0.6550 0.0920  -0.0785 0.1165  16 ASP A C   
112 O O   . ASP A 16 ? 0.3776 0.5398 0.6831 0.0878  -0.0802 0.1086  16 ASP A O   
113 C CB  . ASP A 16 ? 0.6620 0.8786 0.8951 0.0520  -0.1341 0.1367  16 ASP A CB  
114 C CG  . ASP A 16 ? 0.8838 1.1421 1.1610 0.0513  -0.1450 0.1499  16 ASP A CG  
115 O OD1 . ASP A 16 ? 0.9538 1.2530 1.2271 0.0335  -0.1585 0.1310  16 ASP A OD1 
116 O OD2 . ASP A 16 ? 0.9626 1.2103 1.2810 0.0668  -0.1388 0.1772  16 ASP A OD2 
117 N N   . GLY A 17 ? 0.3754 0.4432 0.6471 0.1086  -0.0514 0.1047  17 GLY A N   
118 C CA  . GLY A 17 ? 0.4013 0.4487 0.6882 0.1237  -0.0200 0.0833  17 GLY A CA  
119 C C   . GLY A 17 ? 0.3990 0.4464 0.6458 0.1098  -0.0090 0.0541  17 GLY A C   
120 O O   . GLY A 17 ? 0.4804 0.5144 0.7336 0.1216  0.0187  0.0403  17 GLY A O   
121 N N   . LYS A 18 ? 0.2452 0.3102 0.4562 0.0859  -0.0268 0.0465  18 LYS A N   
122 C CA  . LYS A 18 ? 0.2633 0.3305 0.4529 0.0725  -0.0155 0.0235  18 LYS A CA  
123 C C   . LYS A 18 ? 0.2476 0.2709 0.3805 0.0659  -0.0066 0.0127  18 LYS A C   
124 O O   . LYS A 18 ? 0.2688 0.2664 0.3743 0.0645  -0.0170 0.0204  18 LYS A O   
125 C CB  . LYS A 18 ? 0.2766 0.3870 0.4689 0.0496  -0.0357 0.0168  18 LYS A CB  
126 C CG  . LYS A 18 ? 0.3107 0.4699 0.5623 0.0497  -0.0470 0.0220  18 LYS A CG  
127 C CD  . LYS A 18 ? 0.4509 0.6114 0.7480 0.0610  -0.0216 0.0161  18 LYS A CD  
128 C CE  . LYS A 18 ? 0.5313 0.7391 0.8860 0.0530  -0.0341 0.0166  18 LYS A CE  
129 N NZ  . LYS A 18 ? 0.6033 0.8252 0.9539 0.0280  -0.0376 -0.0094 18 LYS A NZ  
130 N N   . ARG A 19 ? 0.2054 0.2237 0.3285 0.0615  0.0117  -0.0006 19 ARG A N   
131 C CA  . ARG A 19 ? 0.2036 0.1919 0.2790 0.0501  0.0162  -0.0071 19 ARG A CA  
132 C C   . ARG A 19 ? 0.2140 0.2228 0.2860 0.0284  0.0071  -0.0102 19 ARG A C   
133 O O   . ARG A 19 ? 0.2020 0.2410 0.3088 0.0223  0.0137  -0.0168 19 ARG A O   
134 C CB  . ARG A 19 ? 0.2266 0.2094 0.2975 0.0557  0.0406  -0.0128 19 ARG A CB  
135 C CG  . ARG A 19 ? 0.2558 0.2029 0.2988 0.0710  0.0534  -0.0196 19 ARG A CG  
136 C CD  . ARG A 19 ? 0.3028 0.2480 0.3812 0.0924  0.0568  -0.0166 19 ARG A CD  
137 N NE  . ARG A 19 ? 0.3273 0.2322 0.3844 0.1077  0.0738  -0.0299 19 ARG A NE  
138 C CZ  . ARG A 19 ? 0.4478 0.3319 0.5323 0.1249  0.0759  -0.0283 19 ARG A CZ  
139 N NH1 . ARG A 19 ? 0.4218 0.3285 0.5545 0.1284  0.0583  -0.0063 19 ARG A NH1 
140 N NH2 . ARG A 19 ? 0.4364 0.2870 0.4998 0.1318  0.0896  -0.0477 19 ARG A NH2 
141 N N   . VAL A 20 ? 0.2163 0.2087 0.2538 0.0173  -0.0055 -0.0058 20 VAL A N   
142 C CA  . VAL A 20 ? 0.2101 0.2225 0.2430 -0.0011 -0.0114 -0.0100 20 VAL A CA  
143 C C   . VAL A 20 ? 0.2463 0.2316 0.2470 -0.0124 -0.0093 -0.0036 20 VAL A C   
144 O O   . VAL A 20 ? 0.2563 0.2080 0.2328 -0.0083 -0.0133 0.0055  20 VAL A O   
145 C CB  . VAL A 20 ? 0.2139 0.2527 0.2421 -0.0043 -0.0318 -0.0049 20 VAL A CB  
146 C CG1 . VAL A 20 ? 0.2248 0.2975 0.2917 0.0031  -0.0385 -0.0076 20 VAL A CG1 
147 C CG2 . VAL A 20 ? 0.3137 0.3285 0.3185 0.0030  -0.0445 0.0167  20 VAL A CG2 
148 N N   . VAL A 21 ? 0.2043 0.2044 0.2119 -0.0274 -0.0023 -0.0098 21 VAL A N   
149 C CA  . VAL A 21 ? 0.2285 0.2136 0.2142 -0.0394 -0.0020 0.0003  21 VAL A CA  
150 C C   . VAL A 21 ? 0.2293 0.2370 0.1998 -0.0461 -0.0100 -0.0022 21 VAL A C   
151 O O   . VAL A 21 ? 0.2230 0.2611 0.2086 -0.0536 -0.0040 -0.0226 21 VAL A O   
152 C CB  . VAL A 21 ? 0.2747 0.2623 0.2872 -0.0505 0.0172  -0.0007 21 VAL A CB  
153 C CG1 . VAL A 21 ? 0.3192 0.2949 0.3192 -0.0623 0.0194  0.0131  21 VAL A CG1 
154 C CG2 . VAL A 21 ? 0.3107 0.2860 0.3290 -0.0453 0.0223  0.0081  21 VAL A CG2 
155 N N   . ILE A 22 ? 0.2253 0.2213 0.1677 -0.0441 -0.0239 0.0181  22 ILE A N   
156 C CA  . ILE A 22 ? 0.2667 0.2910 0.1879 -0.0501 -0.0313 0.0242  22 ILE A CA  
157 C C   . ILE A 22 ? 0.3036 0.3261 0.2174 -0.0630 -0.0148 0.0247  22 ILE A C   
158 O O   . ILE A 22 ? 0.3680 0.3596 0.2854 -0.0650 -0.0106 0.0418  22 ILE A O   
159 C CB  . ILE A 22 ? 0.3133 0.3296 0.2215 -0.0408 -0.0512 0.0549  22 ILE A CB  
160 C CG1 . ILE A 22 ? 0.3524 0.3751 0.2802 -0.0267 -0.0634 0.0553  22 ILE A CG1 
161 C CG2 . ILE A 22 ? 0.4412 0.4942 0.3244 -0.0478 -0.0582 0.0716  22 ILE A CG2 
162 C CD1 . ILE A 22 ? 0.4543 0.4577 0.3904 -0.0144 -0.0779 0.0857  22 ILE A CD1 
163 N N   . ILE A 23 ? 0.2900 0.3465 0.1962 -0.0730 -0.0047 0.0047  23 ILE A N   
164 C CA  . ILE A 23 ? 0.3444 0.3998 0.2535 -0.0836 0.0192  0.0001  23 ILE A CA  
165 C C   . ILE A 23 ? 0.3146 0.3956 0.1828 -0.0871 0.0167  0.0149  23 ILE A C   
166 O O   . ILE A 23 ? 0.3247 0.4473 0.1658 -0.0924 0.0127  -0.0036 23 ILE A O   
167 C CB  . ILE A 23 ? 0.3705 0.4407 0.3109 -0.0929 0.0423  -0.0400 23 ILE A CB  
168 C CG1 . ILE A 23 ? 0.3654 0.4190 0.3519 -0.0880 0.0439  -0.0457 23 ILE A CG1 
169 C CG2 . ILE A 23 ? 0.4132 0.4768 0.3701 -0.1017 0.0730  -0.0420 23 ILE A CG2 
170 C CD1 . ILE A 23 ? 0.3516 0.4164 0.3903 -0.0967 0.0683  -0.0785 23 ILE A CD1 
171 N N   . PRO A 24 ? 0.3461 0.4087 0.2096 -0.0858 0.0183  0.0494  24 PRO A N   
172 C CA  . PRO A 24 ? 0.3432 0.4286 0.1874 -0.0803 0.0167  0.0644  24 PRO A CA  
173 C C   . PRO A 24 ? 0.3118 0.4236 0.1425 -0.0903 0.0453  0.0381  24 PRO A C   
174 O O   . PRO A 24 ? 0.3140 0.4129 0.1709 -0.0975 0.0704  0.0149  24 PRO A O   
175 C CB  . PRO A 24 ? 0.4311 0.4786 0.3027 -0.0683 0.0128  0.0947  24 PRO A CB  
176 C CG  . PRO A 24 ? 0.4035 0.4132 0.3040 -0.0636 0.0040  0.0906  24 PRO A CG  
177 C CD  . PRO A 24 ? 0.3449 0.3617 0.2457 -0.0766 0.0166  0.0667  24 PRO A CD  
178 N N   . LYS A 25 ? 0.2185 0.3586 0.2254 -0.0169 -0.0157 0.0530  25 LYS A N   
179 C CA  . LYS A 25 ? 0.2502 0.3957 0.2553 -0.0262 -0.0156 0.0492  25 LYS A CA  
180 C C   . LYS A 25 ? 0.2001 0.3338 0.2122 -0.0306 -0.0132 0.0413  25 LYS A C   
181 O O   . LYS A 25 ? 0.2354 0.3704 0.2468 -0.0360 -0.0116 0.0367  25 LYS A O   
182 C CB  . LYS A 25 ? 0.3108 0.4577 0.3088 -0.0269 -0.0126 0.0554  25 LYS A CB  
183 C CG  . LYS A 25 ? 0.3564 0.5217 0.3488 -0.0253 -0.0162 0.0665  25 LYS A CG  
184 C CD  . LYS A 25 ? 0.4825 0.6478 0.4673 -0.0251 -0.0132 0.0736  25 LYS A CD  
185 C CE  . LYS A 25 ? 0.6589 0.8476 0.6390 -0.0263 -0.0191 0.0874  25 LYS A CE  
186 N NZ  . LYS A 25 ? 0.7842 0.9861 0.7768 -0.0143 -0.0190 0.0989  25 LYS A NZ  
187 N N   . ALA A 26 ? 0.2113 0.3332 0.2303 -0.0287 -0.0125 0.0416  26 ALA A N   
188 C CA  . ALA A 26 ? 0.1988 0.3154 0.2301 -0.0333 -0.0112 0.0389  26 ALA A CA  
189 C C   . ALA A 26 ? 0.1900 0.3095 0.2271 -0.0346 -0.0151 0.0345  26 ALA A C   
190 O O   . ALA A 26 ? 0.1859 0.3077 0.2329 -0.0375 -0.0115 0.0338  26 ALA A O   
191 C CB  . ALA A 26 ? 0.2366 0.3418 0.2738 -0.0343 -0.0126 0.0420  26 ALA A CB  
192 N N   . GLU A 27 ? 0.1922 0.3109 0.2232 -0.0310 -0.0204 0.0329  27 GLU A N   
193 C CA  . GLU A 27 ? 0.1856 0.3063 0.2205 -0.0317 -0.0238 0.0289  27 GLU A CA  
194 C C   . GLU A 27 ? 0.1756 0.3070 0.2088 -0.0331 -0.0205 0.0263  27 GLU A C   
195 O O   . GLU A 27 ? 0.2224 0.3549 0.2617 -0.0351 -0.0190 0.0235  27 GLU A O   
196 C CB  . GLU A 27 ? 0.2196 0.3322 0.2451 -0.0268 -0.0282 0.0284  27 GLU A CB  
197 C CG  . GLU A 27 ? 0.3012 0.3939 0.3201 -0.0284 -0.0317 0.0293  27 GLU A CG  
198 C CD  . GLU A 27 ? 0.3158 0.4061 0.3451 -0.0369 -0.0383 0.0287  27 GLU A CD  
199 O OE1 . GLU A 27 ? 0.4710 0.5445 0.4931 -0.0426 -0.0437 0.0298  27 GLU A OE1 
200 O OE2 . GLU A 27 ? 0.2946 0.3989 0.3386 -0.0388 -0.0377 0.0285  27 GLU A OE2 
201 N N   . ARG A 28 ? 0.1790 0.3173 0.2022 -0.0332 -0.0195 0.0284  28 ARG A N   
202 C CA  . ARG A 28 ? 0.1807 0.3252 0.1964 -0.0391 -0.0176 0.0261  28 ARG A CA  
203 C C   . ARG A 28 ? 0.2107 0.3457 0.2249 -0.0440 -0.0090 0.0231  28 ARG A C   
204 O O   . ARG A 28 ? 0.2123 0.3432 0.2221 -0.0477 -0.0044 0.0191  28 ARG A O   
205 C CB  . ARG A 28 ? 0.2011 0.3564 0.2060 -0.0416 -0.0204 0.0318  28 ARG A CB  
206 C CG  . ARG A 28 ? 0.4257 0.5957 0.4327 -0.0390 -0.0262 0.0366  28 ARG A CG  
207 C CD  . ARG A 28 ? 0.5164 0.7026 0.5177 -0.0418 -0.0302 0.0471  28 ARG A CD  
208 N NE  . ARG A 28 ? 0.5091 0.6973 0.5159 -0.0307 -0.0287 0.0558  28 ARG A NE  
209 C CZ  . ARG A 28 ? 0.4427 0.6416 0.4464 -0.0304 -0.0298 0.0663  28 ARG A CZ  
210 N NH1 . ARG A 28 ? 0.4332 0.6422 0.4262 -0.0427 -0.0346 0.0689  28 ARG A NH1 
211 N NH2 . ARG A 28 ? 0.3981 0.5950 0.4063 -0.0184 -0.0257 0.0747  28 ARG A NH2 
212 N N   . ALA A 29 ? 0.1926 0.3215 0.2096 -0.0431 -0.0045 0.0261  29 ALA A N   
213 C CA  . ALA A 29 ? 0.2196 0.3378 0.2364 -0.0451 0.0073  0.0261  29 ALA A CA  
214 C C   . ALA A 29 ? 0.2107 0.3289 0.2470 -0.0421 0.0106  0.0271  29 ALA A C   
215 O O   . ALA A 29 ? 0.2702 0.3809 0.3047 -0.0425 0.0215  0.0266  29 ALA A O   
216 C CB  . ALA A 29 ? 0.2469 0.3603 0.2647 -0.0438 0.0118  0.0311  29 ALA A CB  
217 N N   . LYS A 30 ? 0.1821 0.3070 0.2352 -0.0397 0.0017  0.0299  30 LYS A N   
218 C CA  . LYS A 30 ? 0.2022 0.3311 0.2751 -0.0386 0.0017  0.0337  30 LYS A CA  
219 C C   . LYS A 30 ? 0.1956 0.3255 0.2650 -0.0377 0.0028  0.0291  30 LYS A C   
220 O O   . LYS A 30 ? 0.2276 0.3571 0.3070 -0.0358 0.0118  0.0326  30 LYS A O   
221 C CB  . LYS A 30 ? 0.2269 0.3586 0.3097 -0.0401 -0.0112 0.0366  30 LYS A CB  
222 C CG  . LYS A 30 ? 0.2674 0.4063 0.3707 -0.0417 -0.0150 0.0430  30 LYS A CG  
223 C CD  . LYS A 30 ? 0.4276 0.5639 0.5319 -0.0472 -0.0299 0.0451  30 LYS A CD  
224 C CE  . LYS A 30 ? 0.5941 0.7421 0.7237 -0.0524 -0.0351 0.0568  30 LYS A CE  
225 N NZ  . LYS A 30 ? 0.7238 0.8654 0.8494 -0.0627 -0.0516 0.0594  30 LYS A NZ  
226 N N   . VAL A 31 ? 0.1686 0.3000 0.2248 -0.0380 -0.0046 0.0230  31 VAL A N   
227 C CA  . VAL A 31 ? 0.2429 0.3753 0.2976 -0.0373 -0.0035 0.0193  31 VAL A CA  
228 C C   . VAL A 31 ? 0.2329 0.3593 0.2689 -0.0417 0.0042  0.0144  31 VAL A C   
229 O O   . VAL A 31 ? 0.2503 0.3748 0.2834 -0.0422 0.0070  0.0112  31 VAL A O   
230 C CB  . VAL A 31 ? 0.2065 0.3430 0.2607 -0.0348 -0.0148 0.0174  31 VAL A CB  
231 C CG1 . VAL A 31 ? 0.2207 0.3556 0.2839 -0.0342 -0.0232 0.0214  31 VAL A CG1 
232 C CG2 . VAL A 31 ? 0.2507 0.3900 0.2912 -0.0345 -0.0187 0.0152  31 VAL A CG2 
233 N N   . GLY A 32 ? 0.1829 0.5482 0.2562 -0.0024 0.0537  -0.0654 32 GLY A N   
234 C CA  . GLY A 32 ? 0.2491 0.6102 0.3122 0.0158  0.0526  -0.0853 32 GLY A CA  
235 C C   . GLY A 32 ? 0.2051 0.5057 0.2565 0.0192  0.0482  -0.0745 32 GLY A C   
236 O O   . GLY A 32 ? 0.3248 0.5985 0.3772 0.0443  0.0399  -0.0941 32 GLY A O   
237 N N   . ILE A 33 ? 0.1763 0.4535 0.2170 -0.0064 0.0498  -0.0451 33 ILE A N   
238 C CA  . ILE A 33 ? 0.1888 0.4134 0.2230 -0.0054 0.0438  -0.0355 33 ILE A CA  
239 C C   . ILE A 33 ? 0.2084 0.4290 0.2080 -0.0214 0.0419  -0.0285 33 ILE A C   
240 O O   . ILE A 33 ? 0.2605 0.5139 0.2366 -0.0521 0.0462  -0.0108 33 ILE A O   
241 C CB  . ILE A 33 ? 0.2085 0.3926 0.2500 -0.0217 0.0351  -0.0099 33 ILE A CB  
242 C CG1 . ILE A 33 ? 0.2629 0.4328 0.3295 -0.0031 0.0321  -0.0175 33 ILE A CG1 
243 C CG2 . ILE A 33 ? 0.2492 0.3761 0.2785 -0.0270 0.0215  0.0013  33 ILE A CG2 
244 C CD1 . ILE A 33 ? 0.2719 0.4157 0.3445 -0.0172 0.0253  0.0000  33 ILE A CD1 
245 N N   . LYS A 34 ? 0.2290 0.4085 0.2226 -0.0050 0.0323  -0.0399 34 LYS A N   
246 C CA  . LYS A 34 ? 0.2684 0.4254 0.2324 -0.0182 0.0221  -0.0306 34 LYS A CA  
247 C C   . LYS A 34 ? 0.1971 0.2910 0.1764 -0.0138 0.0056  -0.0223 34 LYS A C   
248 O O   . LYS A 34 ? 0.2165 0.2894 0.2213 -0.0004 0.0056  -0.0288 34 LYS A O   
249 C CB  . LYS A 34 ? 0.3442 0.5213 0.2905 -0.0018 0.0238  -0.0596 34 LYS A CB  
250 C CG  . LYS A 34 ? 0.4777 0.7370 0.4111 -0.0028 0.0425  -0.0790 34 LYS A CG  
251 C CD  . LYS A 34 ? 0.6345 0.8982 0.5656 0.0222  0.0370  -0.1127 34 LYS A CD  
252 C CE  . LYS A 34 ? 0.7424 0.9593 0.7050 0.0575  0.0226  -0.1355 34 LYS A CE  
253 N NZ  . LYS A 34 ? 0.8474 1.0317 0.7992 0.0737  0.0061  -0.1571 34 LYS A NZ  
254 N N   A VAL A 35 ? 0.2224 0.2907 0.1850 -0.0270 -0.0105 -0.0086 35 VAL A N   
255 N N   B VAL A 35 ? 0.2264 0.2966 0.1901 -0.0260 -0.0092 -0.0097 35 VAL A N   
256 C CA  A VAL A 35 ? 0.2207 0.2476 0.2056 -0.0198 -0.0260 -0.0098 35 VAL A CA  
257 C CA  B VAL A 35 ? 0.2226 0.2510 0.2084 -0.0190 -0.0245 -0.0106 35 VAL A CA  
258 C C   A VAL A 35 ? 0.1965 0.2152 0.1948 -0.0032 -0.0233 -0.0310 35 VAL A C   
259 C C   B VAL A 35 ? 0.1953 0.2149 0.1941 -0.0026 -0.0222 -0.0317 35 VAL A C   
260 O O   A VAL A 35 ? 0.2211 0.2479 0.2013 0.0042  -0.0230 -0.0461 35 VAL A O   
261 O O   B VAL A 35 ? 0.2220 0.2497 0.2030 0.0051  -0.0220 -0.0470 35 VAL A O   
262 C CB  A VAL A 35 ? 0.2867 0.2903 0.2536 -0.0306 -0.0507 0.0020  35 VAL A CB  
263 C CB  B VAL A 35 ? 0.2925 0.2980 0.2602 -0.0299 -0.0488 0.0012  35 VAL A CB  
264 C CG1 A VAL A 35 ? 0.3871 0.3651 0.3901 -0.0199 -0.0669 -0.0062 35 VAL A CG1 
265 C CG1 B VAL A 35 ? 0.2659 0.2827 0.1990 -0.0314 -0.0512 -0.0068 35 VAL A CG1 
266 C CG2 A VAL A 35 ? 0.3315 0.3294 0.2767 -0.0530 -0.0619 0.0283  35 VAL A CG2 
267 C CG2 B VAL A 35 ? 0.3533 0.3333 0.3562 -0.0196 -0.0646 -0.0067 35 VAL A CG2 
268 N N   . GLY A 36 ? 0.2068 0.2102 0.2340 -0.0001 -0.0235 -0.0332 36 GLY A N   
269 C CA  . GLY A 36 ? 0.2272 0.2154 0.2636 0.0054  -0.0253 -0.0456 36 GLY A CA  
270 C C   . GLY A 36 ? 0.2206 0.2043 0.2603 0.0122  -0.0183 -0.0479 36 GLY A C   
271 O O   . GLY A 36 ? 0.2648 0.2237 0.3098 0.0096  -0.0259 -0.0506 36 GLY A O   
272 N N   . ASP A 37 ? 0.1877 0.1936 0.2234 0.0178  -0.0084 -0.0453 37 ASP A N   
273 C CA  . ASP A 37 ? 0.1717 0.1743 0.2131 0.0291  -0.0078 -0.0500 37 ASP A CA  
274 C C   . ASP A 37 ? 0.1639 0.1514 0.2158 0.0176  -0.0069 -0.0356 37 ASP A C   
275 O O   . ASP A 37 ? 0.1756 0.1747 0.2345 0.0066  -0.0001 -0.0266 37 ASP A O   
276 C CB  . ASP A 37 ? 0.1852 0.2307 0.2265 0.0374  0.0027  -0.0549 37 ASP A CB  
277 C CG  . ASP A 37 ? 0.2343 0.3125 0.2645 0.0516  0.0048  -0.0778 37 ASP A CG  
278 O OD1 . ASP A 37 ? 0.2506 0.3090 0.2706 0.0593  -0.0052 -0.0920 37 ASP A OD1 
279 O OD2 . ASP A 37 ? 0.2419 0.3712 0.2743 0.0526  0.0165  -0.0828 37 ASP A OD2 
280 N N   . VAL A 38 ? 0.2101 0.1704 0.2593 0.0213  -0.0181 -0.0358 38 VAL A N   
281 C CA  . VAL A 38 ? 0.2252 0.1725 0.2727 0.0064  -0.0190 -0.0203 38 VAL A CA  
282 C C   . VAL A 38 ? 0.1838 0.1524 0.2356 0.0155  -0.0139 -0.0179 38 VAL A C   
283 O O   . VAL A 38 ? 0.2025 0.1816 0.2593 0.0350  -0.0185 -0.0290 38 VAL A O   
284 C CB  . VAL A 38 ? 0.2455 0.1426 0.2788 0.0004  -0.0420 -0.0148 38 VAL A CB  
285 C CG1 . VAL A 38 ? 0.2616 0.1452 0.2811 -0.0183 -0.0464 0.0050  38 VAL A CG1 
286 C CG2 . VAL A 38 ? 0.2611 0.1414 0.2925 -0.0180 -0.0473 -0.0141 38 VAL A CG2 
287 N N   . VAL A 39 ? 0.1764 0.1586 0.2296 0.0013  -0.0042 -0.0081 39 VAL A N   
288 C CA  . VAL A 39 ? 0.1815 0.1814 0.2383 0.0049  -0.0021 -0.0045 39 VAL A CA  
289 C C   . VAL A 39 ? 0.1769 0.1663 0.2194 -0.0114 -0.0042 0.0065  39 VAL A C   
290 O O   . VAL A 39 ? 0.2070 0.1902 0.2403 -0.0288 -0.0014 0.0106  39 VAL A O   
291 C CB  . VAL A 39 ? 0.1950 0.2249 0.2637 0.0023  0.0089  -0.0061 39 VAL A CB  
292 C CG1 . VAL A 39 ? 0.1747 0.2221 0.2466 0.0092  0.0117  -0.0117 39 VAL A CG1 
293 C CG2 . VAL A 39 ? 0.2071 0.2367 0.2794 -0.0094 0.0132  -0.0072 39 VAL A CG2 
294 N N   . GLU A 40 ? 0.1729 0.1688 0.2133 -0.0076 -0.0090 0.0101  40 GLU A N   
295 C CA  . GLU A 40 ? 0.2312 0.2248 0.2514 -0.0242 -0.0109 0.0195  40 GLU A CA  
296 C C   . GLU A 40 ? 0.1665 0.1907 0.1992 -0.0237 -0.0015 0.0114  40 GLU A C   
297 O O   . GLU A 40 ? 0.2128 0.2488 0.2624 -0.0122 -0.0041 0.0085  40 GLU A O   
298 C CB  . GLU A 40 ? 0.3068 0.2730 0.3109 -0.0190 -0.0345 0.0303  40 GLU A CB  
299 C CG  . GLU A 40 ? 0.4730 0.3916 0.4496 -0.0314 -0.0538 0.0451  40 GLU A CG  
300 C CD  . GLU A 40 ? 0.5533 0.4340 0.5000 -0.0366 -0.0841 0.0630  40 GLU A CD  
301 O OE1 . GLU A 40 ? 0.6102 0.4569 0.5171 -0.0672 -0.0967 0.0854  40 GLU A OE1 
302 O OE2 . GLU A 40 ? 0.5292 0.4167 0.4912 -0.0140 -0.0965 0.0561  40 GLU A OE2 
303 N N   . VAL A 41 ? 0.1869 0.2265 0.2125 -0.0369 0.0078  0.0049  41 VAL A N   
304 C CA  . VAL A 41 ? 0.1505 0.2093 0.1849 -0.0352 0.0094  -0.0079 41 VAL A CA  
305 C C   . VAL A 41 ? 0.1804 0.2451 0.1868 -0.0464 0.0057  -0.0054 41 VAL A C   
306 O O   . VAL A 41 ? 0.2084 0.2808 0.1883 -0.0643 0.0118  -0.0020 41 VAL A O   
307 C CB  . VAL A 41 ? 0.1871 0.2632 0.2386 -0.0341 0.0173  -0.0281 41 VAL A CB  
308 C CG1 . VAL A 41 ? 0.1978 0.2816 0.2588 -0.0282 0.0097  -0.0462 41 VAL A CG1 
309 C CG2 . VAL A 41 ? 0.2056 0.2700 0.2765 -0.0259 0.0162  -0.0262 41 VAL A CG2 
310 N N   . LYS A 42 ? 0.1925 0.2573 0.2019 -0.0408 -0.0052 -0.0058 42 LYS A N   
311 C CA  . LYS A 42 ? 0.2302 0.2983 0.2097 -0.0503 -0.0138 -0.0035 42 LYS A CA  
312 C C   . LYS A 42 ? 0.2110 0.2960 0.1987 -0.0477 -0.0158 -0.0258 42 LYS A C   
313 O O   . LYS A 42 ? 0.1964 0.2765 0.2117 -0.0393 -0.0227 -0.0300 42 LYS A O   
314 C CB  . LYS A 42 ? 0.2803 0.3314 0.2605 -0.0423 -0.0338 0.0128  42 LYS A CB  
315 C CG  . LYS A 42 ? 0.3554 0.4019 0.3000 -0.0522 -0.0501 0.0200  42 LYS A CG  
316 C CD  . LYS A 42 ? 0.5486 0.5772 0.4975 -0.0401 -0.0771 0.0337  42 LYS A CD  
317 C CE  . LYS A 42 ? 0.7606 0.7545 0.7028 -0.0339 -0.0901 0.0490  42 LYS A CE  
318 N NZ  . LYS A 42 ? 0.8637 0.8427 0.8204 -0.0124 -0.1234 0.0531  42 LYS A NZ  
319 N N   . LYS A 43 ? 0.1949 0.3012 0.1556 -0.0577 -0.0105 -0.0412 43 LYS A N   
320 C CA  . LYS A 43 ? 0.2198 0.3366 0.1861 -0.0513 -0.0193 -0.0679 43 LYS A CA  
321 C C   . LYS A 43 ? 0.2450 0.3478 0.2018 -0.0531 -0.0401 -0.0557 43 LYS A C   
322 O O   . LYS A 43 ? 0.2734 0.3716 0.1990 -0.0625 -0.0467 -0.0357 43 LYS A O   
323 C CB  . LYS A 43 ? 0.3096 0.4675 0.2504 -0.0583 -0.0070 -0.0980 43 LYS A CB  
324 C CG  . LYS A 43 ? 0.3239 0.4860 0.2751 -0.0446 -0.0222 -0.1343 43 LYS A CG  
325 C CD  . LYS A 43 ? 0.4567 0.6621 0.3999 -0.0408 -0.0082 -0.1654 43 LYS A CD  
326 C CE  . LYS A 43 ? 0.4064 0.5954 0.3688 -0.0198 -0.0290 -0.1942 43 LYS A CE  
327 N NZ  . LYS A 43 ? 0.5279 0.7666 0.4967 -0.0097 -0.0182 -0.2298 43 LYS A NZ  
328 N N   . VAL A 44 ? 0.2384 0.3317 0.2224 -0.0460 -0.0557 -0.0667 44 VAL A N   
329 C CA  . VAL A 44 ? 0.2269 0.3153 0.2110 -0.0495 -0.0770 -0.0582 44 VAL A CA  
330 C C   . VAL A 44 ? 0.2689 0.3653 0.2228 -0.0531 -0.0885 -0.0825 44 VAL A C   
331 O O   . VAL A 44 ? 0.3225 0.4249 0.2761 -0.0472 -0.0866 -0.1152 44 VAL A O   
332 C CB  . VAL A 44 ? 0.2636 0.3425 0.2919 -0.0499 -0.0892 -0.0512 44 VAL A CB  
333 C CG1 . VAL A 44 ? 0.2475 0.3328 0.2832 -0.0574 -0.1124 -0.0472 44 VAL A CG1 
334 C CG2 . VAL A 44 ? 0.2270 0.3110 0.2776 -0.0473 -0.0756 -0.0296 44 VAL A CG2 
335 O OXT . VAL A 44 ? 0.3531 0.4519 0.2827 -0.0597 -0.1027 -0.0734 44 VAL A OXT 
# 
